data_9IPW
#
_entry.id   9IPW
#
_cell.length_a   94.443
_cell.length_b   94.443
_cell.length_c   361.486
_cell.angle_alpha   90.000
_cell.angle_beta   90.000
_cell.angle_gamma   90.000
#
_symmetry.space_group_name_H-M   'P 41 2 2'
#
loop_
_entity.id
_entity.type
_entity.pdbx_description
1 polymer Elongin-B
2 polymer Elongin-C
3 polymer 'von Hippel-Lindau disease tumor suppressor'
4 non-polymer 7-Hydroxy-4-methoxymethylcoumarin
5 water water
#
loop_
_entity_poly.entity_id
_entity_poly.type
_entity_poly.pdbx_seq_one_letter_code
_entity_poly.pdbx_strand_id
1 'polypeptide(L)'
;MDVFLMIRRHKTTIFTDAKESSTVFELKRIVEGILKRPPDEQRLYKDDQLLDDGKTLGE(CAS)GFTSQTARPQAPATVG
LAFRADDTFEAL(CAS)IEPFSSPPELPDVMK
;
A,D,G,J
2 'polypeptide(L)'
;MMYVKLISSDGHEFIVKREHALTSGTIKAMLSGPGQFAENETNEVNFREIPSHVLSKVCMYFTYKVRYTNSSTEIPEFPI
APEIALELLMAANFLDC
;
B,E,H,K
3 'polypeptide(L)'
;GSMEAGRPRPVLRSVNSREPSQVIF(CAS)NRSPRVVLPVWLNFDGEPQPYPTLPPGTGRRIHSYRGHLWLFRDAGTHDG
LLVNQTELFVPSLNVDGQPIFANITLPVYTLKERCLQVVRSLVKPENYRRLDIVRSLYEDLEDHPNVQKDLERLTQERIA
HQRMGD
;
C,F,I,L
#
# COMPACT_ATOMS: atom_id res chain seq x y z
N MET A 1 25.74 -20.10 27.15
CA MET A 1 25.78 -19.10 26.10
C MET A 1 27.06 -18.30 26.08
N ASP A 2 27.62 -18.15 24.87
CA ASP A 2 28.83 -17.36 24.66
C ASP A 2 28.44 -15.90 24.46
N VAL A 3 29.13 -15.03 25.17
CA VAL A 3 29.05 -13.59 24.94
C VAL A 3 30.35 -13.17 24.26
N PHE A 4 30.25 -12.22 23.32
CA PHE A 4 31.39 -11.73 22.57
C PHE A 4 31.68 -10.28 22.95
N LEU A 5 32.91 -10.03 23.39
CA LEU A 5 33.27 -8.76 23.99
C LEU A 5 34.48 -8.15 23.29
N MET A 6 34.50 -6.83 23.25
CA MET A 6 35.72 -6.05 23.10
C MET A 6 36.09 -5.53 24.48
N ILE A 7 37.27 -5.92 24.99
CA ILE A 7 37.80 -5.34 26.22
C ILE A 7 38.75 -4.21 25.85
N ARG A 8 38.51 -3.01 26.39
CA ARG A 8 39.08 -1.79 25.84
C ARG A 8 39.67 -0.91 26.92
N ARG A 9 40.80 -0.30 26.60
CA ARG A 9 41.48 0.60 27.53
C ARG A 9 42.52 1.36 26.74
N HIS A 10 42.51 2.69 26.84
CA HIS A 10 43.46 3.50 26.08
C HIS A 10 43.37 3.31 24.58
N LYS A 11 44.40 2.73 23.95
CA LYS A 11 44.32 2.32 22.57
C LYS A 11 44.51 0.80 22.48
N THR A 12 44.11 0.11 23.53
CA THR A 12 44.11 -1.34 23.52
C THR A 12 42.69 -1.87 23.42
N THR A 13 42.50 -2.91 22.62
CA THR A 13 41.20 -3.54 22.44
C THR A 13 41.43 -5.04 22.23
N ILE A 14 41.04 -5.84 23.21
CA ILE A 14 41.03 -7.29 23.06
C ILE A 14 39.64 -7.72 22.59
N PHE A 15 39.60 -8.62 21.61
CA PHE A 15 38.38 -9.31 21.21
C PHE A 15 38.41 -10.70 21.85
N THR A 16 37.40 -10.99 22.66
CA THR A 16 37.32 -12.34 23.21
C THR A 16 35.86 -12.69 23.47
N ASP A 17 35.63 -13.97 23.75
CA ASP A 17 34.34 -14.42 24.24
C ASP A 17 34.44 -14.97 25.66
N ALA A 18 33.28 -15.06 26.30
CA ALA A 18 33.16 -15.77 27.55
C ALA A 18 31.77 -16.39 27.60
N LYS A 19 31.54 -17.23 28.60
CA LYS A 19 30.19 -17.68 28.86
C LYS A 19 29.41 -16.59 29.59
N GLU A 20 28.09 -16.61 29.39
CA GLU A 20 27.24 -15.72 30.17
C GLU A 20 27.28 -16.08 31.67
N SER A 21 27.56 -17.36 32.01
CA SER A 21 27.69 -17.79 33.40
C SER A 21 29.01 -17.39 34.04
N SER A 22 30.04 -17.05 33.26
CA SER A 22 31.35 -16.80 33.82
C SER A 22 31.36 -15.45 34.52
N THR A 23 32.39 -15.21 35.34
CA THR A 23 32.39 -14.05 36.22
C THR A 23 33.32 -12.96 35.75
N VAL A 24 33.02 -11.74 36.23
CA VAL A 24 33.94 -10.62 36.10
C VAL A 24 35.33 -11.07 36.48
N PHE A 25 35.49 -11.65 37.68
CA PHE A 25 36.84 -12.05 38.10
C PHE A 25 37.46 -13.01 37.09
N GLU A 26 36.65 -13.95 36.58
CA GLU A 26 37.16 -14.87 35.59
C GLU A 26 37.54 -14.16 34.30
N LEU A 27 36.84 -13.07 33.95
CA LEU A 27 37.24 -12.29 32.79
C LEU A 27 38.56 -11.57 33.04
N LYS A 28 38.71 -10.99 34.23
CA LYS A 28 39.99 -10.42 34.64
C LYS A 28 41.13 -11.43 34.53
N ARG A 29 40.84 -12.72 34.75
CA ARG A 29 41.87 -13.76 34.55
C ARG A 29 42.25 -13.88 33.08
N ILE A 30 41.27 -13.75 32.18
CA ILE A 30 41.54 -13.73 30.75
C ILE A 30 42.43 -12.53 30.39
N VAL A 31 42.09 -11.34 30.92
CA VAL A 31 42.93 -10.17 30.64
C VAL A 31 44.35 -10.43 31.08
N GLU A 32 44.52 -11.08 32.23
CA GLU A 32 45.85 -11.32 32.76
C GLU A 32 46.67 -12.24 31.84
N GLY A 33 46.03 -13.28 31.31
CA GLY A 33 46.72 -14.09 30.32
C GLY A 33 47.19 -13.30 29.11
N ILE A 34 46.54 -12.18 28.79
CA ILE A 34 46.89 -11.48 27.58
C ILE A 34 47.74 -10.27 27.95
N LEU A 35 47.18 -9.33 28.67
CA LEU A 35 47.96 -8.13 28.91
C LEU A 35 48.95 -8.25 30.08
N LYS A 36 49.13 -9.48 30.60
CA LYS A 36 49.96 -9.80 31.77
C LYS A 36 49.85 -8.76 32.91
N ARG A 37 48.69 -8.66 33.56
CA ARG A 37 48.54 -7.81 34.73
C ARG A 37 47.58 -8.60 35.61
N PRO A 38 47.87 -8.74 36.89
CA PRO A 38 47.01 -9.57 37.74
C PRO A 38 45.67 -8.88 37.96
N PRO A 39 44.60 -9.67 38.15
CA PRO A 39 43.27 -9.08 38.37
C PRO A 39 43.19 -7.96 39.40
N ASP A 40 43.94 -8.03 40.50
CA ASP A 40 43.82 -6.99 41.53
C ASP A 40 44.33 -5.64 41.05
N GLU A 41 45.12 -5.60 39.97
CA GLU A 41 45.52 -4.37 39.32
C GLU A 41 44.61 -3.99 38.15
N GLN A 42 43.46 -4.66 38.03
CA GLN A 42 42.49 -4.48 36.96
C GLN A 42 41.17 -4.04 37.55
N ARG A 43 40.50 -3.10 36.88
CA ARG A 43 39.10 -2.80 37.11
C ARG A 43 38.32 -2.99 35.82
N LEU A 44 37.07 -3.45 35.94
CA LEU A 44 36.18 -3.70 34.80
C LEU A 44 34.86 -2.95 34.92
N TYR A 45 34.41 -2.41 33.78
CA TYR A 45 33.31 -1.47 33.70
C TYR A 45 32.31 -1.91 32.64
N LYS A 46 31.05 -1.57 32.83
CA LYS A 46 30.09 -1.60 31.73
C LYS A 46 29.61 -0.17 31.67
N ASP A 47 30.17 0.55 30.72
CA ASP A 47 30.03 1.98 30.69
C ASP A 47 30.78 2.50 31.88
N ASP A 48 30.11 3.29 32.71
CA ASP A 48 30.78 3.98 33.82
C ASP A 48 30.74 3.16 35.10
N GLN A 49 30.15 1.97 35.06
CA GLN A 49 29.77 1.24 36.24
C GLN A 49 30.88 0.26 36.57
N LEU A 50 31.50 0.43 37.74
CA LEU A 50 32.46 -0.56 38.21
C LEU A 50 31.77 -1.89 38.42
N LEU A 51 32.40 -2.97 37.96
CA LEU A 51 31.81 -4.29 38.01
C LEU A 51 32.44 -5.12 39.12
N ASP A 52 31.63 -5.96 39.75
CA ASP A 52 32.06 -6.73 40.91
C ASP A 52 32.55 -8.10 40.49
N ASP A 53 33.67 -8.51 41.09
CA ASP A 53 34.36 -9.73 40.71
C ASP A 53 33.45 -10.95 40.79
N GLY A 54 32.48 -10.91 41.69
CA GLY A 54 31.66 -12.08 41.96
C GLY A 54 30.47 -12.27 41.08
N LYS A 55 30.11 -11.24 40.31
CA LYS A 55 28.87 -11.20 39.54
C LYS A 55 29.07 -11.82 38.15
N THR A 56 28.01 -12.41 37.61
CA THR A 56 28.21 -13.01 36.31
C THR A 56 28.08 -11.95 35.21
N LEU A 57 28.70 -12.25 34.06
CA LEU A 57 28.60 -11.36 32.93
C LEU A 57 27.14 -11.13 32.55
N GLY A 58 26.31 -12.16 32.67
CA GLY A 58 24.89 -12.02 32.39
C GLY A 58 24.15 -11.07 33.31
N GLU A 59 24.20 -11.29 34.62
CA GLU A 59 23.80 -10.29 35.61
C GLU A 59 24.20 -8.89 35.21
N GLY A 61 24.52 -7.74 32.39
CA GLY A 61 23.90 -7.37 31.14
C GLY A 61 24.60 -7.78 29.87
N PHE A 62 25.61 -8.65 29.96
CA PHE A 62 26.28 -9.17 28.76
C PHE A 62 25.61 -10.47 28.40
N THR A 63 24.62 -10.38 27.52
CA THR A 63 23.79 -11.53 27.18
C THR A 63 24.15 -12.02 25.78
N SER A 64 23.96 -13.32 25.57
CA SER A 64 24.30 -13.91 24.28
C SER A 64 23.66 -13.16 23.15
N GLN A 65 22.53 -12.52 23.40
CA GLN A 65 21.83 -11.85 22.33
C GLN A 65 22.24 -10.39 22.15
N THR A 66 22.72 -9.70 23.19
CA THR A 66 23.30 -8.38 22.98
C THR A 66 24.78 -8.45 22.62
N ALA A 67 25.55 -9.30 23.29
CA ALA A 67 26.98 -9.40 23.02
C ALA A 67 27.19 -10.39 21.87
N ARG A 68 27.14 -9.90 20.64
CA ARG A 68 27.13 -10.84 19.51
C ARG A 68 28.49 -10.94 18.81
N PRO A 69 28.78 -12.05 18.13
CA PRO A 69 30.02 -12.12 17.32
C PRO A 69 30.24 -10.93 16.42
N GLN A 70 29.30 -10.59 15.54
CA GLN A 70 29.50 -9.50 14.60
C GLN A 70 29.33 -8.13 15.21
N ALA A 71 28.92 -8.07 16.50
CA ALA A 71 28.58 -6.84 17.17
C ALA A 71 28.81 -7.02 18.66
N PRO A 72 30.06 -6.95 19.12
CA PRO A 72 30.40 -7.39 20.48
C PRO A 72 30.32 -6.29 21.50
N ALA A 73 29.90 -6.68 22.70
CA ALA A 73 29.74 -5.72 23.78
C ALA A 73 31.10 -5.22 24.24
N THR A 74 31.12 -4.03 24.83
CA THR A 74 32.36 -3.39 25.24
C THR A 74 32.50 -3.45 26.75
N VAL A 75 33.67 -3.87 27.21
CA VAL A 75 34.00 -3.91 28.62
C VAL A 75 35.19 -2.98 28.86
N GLY A 76 34.99 -1.97 29.72
CA GLY A 76 36.03 -1.00 30.00
C GLY A 76 37.10 -1.58 30.92
N LEU A 77 38.35 -1.21 30.64
CA LEU A 77 39.47 -1.72 31.39
C LEU A 77 40.26 -0.55 31.94
N ALA A 78 40.59 -0.62 33.25
CA ALA A 78 41.40 0.35 34.00
C ALA A 78 42.49 -0.41 34.73
N PHE A 79 43.70 0.14 34.72
CA PHE A 79 44.84 -0.45 35.39
C PHE A 79 45.20 0.33 36.66
N ARG A 80 46.14 -0.22 37.44
CA ARG A 80 46.60 0.43 38.70
C ARG A 80 48.10 0.87 38.68
N THR A 84 47.97 2.70 43.18
CA THR A 84 46.75 3.48 42.87
C THR A 84 46.16 3.30 41.42
N PHE A 85 44.81 3.36 41.31
CA PHE A 85 44.09 3.03 40.08
C PHE A 85 43.87 4.26 39.20
N GLU A 86 44.20 4.14 37.91
CA GLU A 86 43.93 5.20 36.95
C GLU A 86 42.42 5.35 36.74
N ALA A 87 42.04 6.40 36.01
CA ALA A 87 40.63 6.54 35.65
C ALA A 87 40.37 5.72 34.40
N LEU A 88 39.09 5.57 34.06
CA LEU A 88 38.74 4.81 32.89
C LEU A 88 39.03 5.65 31.66
N ILE A 90 39.27 5.24 27.33
CA ILE A 90 39.18 4.50 26.07
C ILE A 90 39.28 5.49 24.91
N GLU A 91 40.34 5.40 24.11
CA GLU A 91 40.46 6.31 22.96
C GLU A 91 39.50 5.90 21.84
N PRO A 92 38.67 6.80 21.34
CA PRO A 92 37.75 6.45 20.25
C PRO A 92 38.50 6.02 18.99
N PHE A 93 37.80 5.22 18.18
CA PHE A 93 38.29 4.86 16.87
C PHE A 93 38.24 6.07 15.93
N SER A 94 39.06 5.99 14.88
CA SER A 94 39.13 7.04 13.90
C SER A 94 37.74 7.27 13.30
N SER A 95 37.56 8.44 12.74
CA SER A 95 36.28 8.84 12.27
C SER A 95 36.27 8.76 10.77
N PRO A 96 35.24 8.14 10.16
CA PRO A 96 35.29 7.88 8.72
C PRO A 96 35.19 9.17 7.92
N PRO A 97 35.68 9.18 6.70
CA PRO A 97 35.48 10.34 5.81
C PRO A 97 34.02 10.65 5.57
N GLU A 98 33.72 11.70 4.80
CA GLU A 98 32.34 11.98 4.38
C GLU A 98 31.92 11.09 3.21
N LEU A 99 30.61 10.90 3.09
CA LEU A 99 30.04 10.05 2.04
C LEU A 99 30.07 10.77 0.69
N PRO A 100 30.65 10.15 -0.35
CA PRO A 100 30.69 10.72 -1.72
C PRO A 100 29.35 11.25 -2.29
N MET B 2 46.28 -18.17 22.91
CA MET B 2 47.27 -17.53 22.04
C MET B 2 46.67 -16.48 21.11
N TYR B 3 47.25 -15.29 21.15
CA TYR B 3 46.73 -14.09 20.50
C TYR B 3 47.80 -13.40 19.67
N VAL B 4 47.36 -12.47 18.83
CA VAL B 4 48.28 -11.62 18.07
C VAL B 4 47.77 -10.20 18.20
N LYS B 5 48.66 -9.26 17.93
CA LYS B 5 48.32 -7.85 17.96
C LYS B 5 48.32 -7.34 16.52
N LEU B 6 47.18 -6.79 16.11
CA LEU B 6 47.04 -6.13 14.83
C LEU B 6 46.91 -4.65 15.14
N ILE B 7 47.83 -3.83 14.63
CA ILE B 7 47.84 -2.41 14.95
C ILE B 7 47.39 -1.65 13.72
N SER B 8 46.52 -0.69 13.92
CA SER B 8 45.94 0.03 12.81
C SER B 8 46.85 1.17 12.41
N SER B 9 46.35 2.00 11.51
CA SER B 9 47.17 3.09 11.03
C SER B 9 47.31 4.19 12.07
N ASP B 10 46.33 4.32 12.98
CA ASP B 10 46.29 5.37 13.99
C ASP B 10 46.69 4.88 15.39
N GLY B 11 47.49 3.83 15.47
CA GLY B 11 48.01 3.36 16.73
C GLY B 11 47.15 2.37 17.50
N HIS B 12 45.84 2.29 17.24
CA HIS B 12 44.99 1.40 17.99
C HIS B 12 45.45 -0.04 17.86
N GLU B 13 45.53 -0.75 18.99
CA GLU B 13 46.12 -2.09 19.08
C GLU B 13 45.06 -3.16 19.31
N PHE B 14 44.76 -3.93 18.27
CA PHE B 14 43.68 -4.91 18.31
C PHE B 14 44.30 -6.30 18.55
N ILE B 15 43.93 -6.90 19.67
CA ILE B 15 44.47 -8.18 20.13
C ILE B 15 43.38 -9.23 19.97
N VAL B 16 43.60 -10.19 19.08
CA VAL B 16 42.63 -11.18 18.69
C VAL B 16 43.30 -12.55 18.68
N LYS B 17 42.48 -13.59 18.79
CA LYS B 17 43.00 -14.95 18.85
C LYS B 17 43.80 -15.27 17.58
N ARG B 18 44.87 -16.04 17.75
CA ARG B 18 45.70 -16.38 16.59
C ARG B 18 44.84 -16.99 15.47
N GLU B 19 44.03 -18.00 15.81
CA GLU B 19 43.26 -18.72 14.80
C GLU B 19 42.34 -17.78 14.03
N HIS B 20 41.74 -16.80 14.72
CA HIS B 20 40.89 -15.84 14.03
C HIS B 20 41.70 -15.05 13.01
N ALA B 21 42.92 -14.65 13.38
CA ALA B 21 43.69 -13.81 12.47
C ALA B 21 44.18 -14.62 11.29
N LEU B 22 44.38 -15.93 11.49
CA LEU B 22 44.96 -16.78 10.47
C LEU B 22 43.99 -17.04 9.32
N THR B 23 42.67 -16.95 9.54
CA THR B 23 41.72 -16.81 8.43
C THR B 23 42.28 -16.00 7.25
N SER B 24 42.77 -14.80 7.51
CA SER B 24 43.43 -14.03 6.47
C SER B 24 44.75 -14.67 6.11
N GLY B 25 44.96 -14.87 4.81
CA GLY B 25 46.18 -15.48 4.32
C GLY B 25 47.27 -14.45 4.29
N THR B 26 46.89 -13.22 3.91
CA THR B 26 47.80 -12.10 4.05
C THR B 26 48.37 -12.01 5.47
N ILE B 27 47.51 -12.06 6.51
CA ILE B 27 48.05 -11.88 7.85
C ILE B 27 48.94 -13.06 8.23
N LYS B 28 48.63 -14.26 7.75
CA LYS B 28 49.47 -15.41 8.07
C LYS B 28 50.88 -15.19 7.56
N ALA B 29 51.02 -14.63 6.37
CA ALA B 29 52.32 -14.19 5.87
C ALA B 29 52.92 -13.08 6.74
N MET B 30 52.12 -12.07 7.07
CA MET B 30 52.70 -10.98 7.82
C MET B 30 53.00 -11.38 9.24
N LEU B 31 52.62 -12.58 9.65
CA LEU B 31 53.04 -13.08 10.95
C LEU B 31 54.26 -13.96 10.84
N SER B 32 54.38 -14.70 9.71
CA SER B 32 55.52 -15.52 9.30
C SER B 32 56.40 -14.79 8.28
N ASN B 43 55.27 -11.76 16.55
CA ASN B 43 53.86 -11.76 16.11
C ASN B 43 53.06 -10.48 16.48
N GLU B 44 53.47 -9.35 15.93
CA GLU B 44 52.58 -8.24 15.74
C GLU B 44 52.51 -7.97 14.25
N VAL B 45 51.44 -7.32 13.81
CA VAL B 45 51.29 -6.90 12.42
C VAL B 45 50.89 -5.43 12.40
N ASN B 46 51.60 -4.63 11.63
CA ASN B 46 51.34 -3.20 11.54
C ASN B 46 50.61 -2.90 10.23
N PHE B 47 49.53 -2.15 10.31
CA PHE B 47 48.73 -1.84 9.13
C PHE B 47 48.80 -0.35 8.86
N ARG B 48 49.69 0.04 7.93
CA ARG B 48 49.89 1.47 7.65
C ARG B 48 48.69 2.10 6.94
N GLU B 49 47.94 1.35 6.14
CA GLU B 49 46.85 1.93 5.39
C GLU B 49 45.46 1.70 5.98
N ILE B 50 45.36 1.07 7.15
CA ILE B 50 44.07 0.66 7.71
C ILE B 50 43.86 1.44 9.00
N PRO B 51 42.88 2.34 9.07
CA PRO B 51 42.59 3.04 10.33
C PRO B 51 41.77 2.14 11.25
N SER B 52 41.61 2.59 12.49
CA SER B 52 41.07 1.72 13.52
C SER B 52 39.60 1.42 13.28
N HIS B 53 38.84 2.42 12.81
CA HIS B 53 37.44 2.17 12.51
C HIS B 53 37.25 1.17 11.37
N VAL B 54 38.26 0.94 10.55
CA VAL B 54 38.18 -0.15 9.59
C VAL B 54 38.65 -1.46 10.23
N LEU B 55 39.70 -1.42 11.05
CA LEU B 55 40.31 -2.66 11.53
C LEU B 55 39.52 -3.29 12.69
N SER B 56 38.71 -2.50 13.41
CA SER B 56 37.79 -3.11 14.36
C SER B 56 36.76 -3.97 13.64
N LYS B 57 36.21 -3.47 12.53
CA LYS B 57 35.25 -4.24 11.74
C LYS B 57 35.86 -5.54 11.26
N VAL B 58 37.07 -5.48 10.72
CA VAL B 58 37.76 -6.69 10.29
C VAL B 58 37.82 -7.70 11.43
N CYS B 59 38.22 -7.24 12.62
CA CYS B 59 38.26 -8.13 13.77
C CYS B 59 36.88 -8.67 14.11
N MET B 60 35.85 -7.81 14.06
CA MET B 60 34.50 -8.33 14.28
C MET B 60 34.16 -9.39 13.24
N TYR B 61 34.56 -9.16 11.98
CA TYR B 61 34.28 -10.12 10.92
C TYR B 61 34.93 -11.48 11.23
N PHE B 62 36.17 -11.49 11.70
CA PHE B 62 36.84 -12.74 12.06
C PHE B 62 35.99 -13.56 13.00
N THR B 63 35.47 -12.93 14.06
CA THR B 63 34.67 -13.66 15.04
C THR B 63 33.40 -14.17 14.42
N TYR B 64 32.67 -13.26 13.76
CA TYR B 64 31.47 -13.61 12.99
C TYR B 64 31.73 -14.76 12.02
N LYS B 65 32.84 -14.70 11.29
CA LYS B 65 33.12 -15.77 10.34
C LYS B 65 33.41 -17.08 11.06
N VAL B 66 34.12 -17.03 12.18
CA VAL B 66 34.53 -18.29 12.80
C VAL B 66 33.34 -18.96 13.51
N ARG B 67 32.38 -18.15 13.98
CA ARG B 67 31.27 -18.67 14.74
C ARG B 67 30.23 -19.33 13.84
N TYR B 68 30.08 -18.86 12.62
CA TYR B 68 28.96 -19.21 11.79
C TYR B 68 29.32 -20.11 10.62
N THR B 69 30.59 -20.27 10.34
CA THR B 69 31.08 -21.21 9.37
C THR B 69 30.91 -22.62 9.90
N THR B 73 22.35 -23.65 12.29
CA THR B 73 21.32 -22.64 12.55
C THR B 73 21.19 -21.70 11.39
N GLU B 74 20.74 -20.51 11.73
CA GLU B 74 20.54 -19.40 10.82
C GLU B 74 21.64 -18.37 11.03
N ILE B 75 22.13 -17.83 9.93
CA ILE B 75 23.22 -16.85 9.94
C ILE B 75 22.61 -15.45 9.91
N PRO B 76 23.09 -14.51 10.71
CA PRO B 76 22.67 -13.12 10.57
C PRO B 76 23.53 -12.37 9.56
N GLU B 77 22.94 -11.31 9.03
CA GLU B 77 23.68 -10.42 8.17
C GLU B 77 24.83 -9.78 8.96
N PHE B 78 26.02 -9.81 8.37
CA PHE B 78 27.14 -8.99 8.83
C PHE B 78 26.90 -7.52 8.49
N PRO B 79 26.74 -6.63 9.48
CA PRO B 79 26.44 -5.23 9.17
C PRO B 79 27.66 -4.45 8.72
N ILE B 80 27.43 -3.47 7.83
CA ILE B 80 28.47 -2.59 7.32
C ILE B 80 27.84 -1.22 7.15
N ALA B 81 28.25 -0.26 7.99
CA ALA B 81 27.74 1.08 7.84
C ALA B 81 28.16 1.66 6.48
N PRO B 82 27.39 2.59 5.93
CA PRO B 82 27.79 3.18 4.64
C PRO B 82 29.11 3.96 4.68
N GLU B 83 29.42 4.73 5.73
CA GLU B 83 30.60 5.58 5.70
C GLU B 83 31.88 4.78 5.69
N ILE B 84 31.87 3.59 6.28
CA ILE B 84 33.06 2.75 6.34
C ILE B 84 33.13 1.75 5.20
N ALA B 85 32.17 1.78 4.27
CA ALA B 85 32.00 0.70 3.31
C ALA B 85 33.14 0.66 2.31
N LEU B 86 33.46 1.80 1.72
CA LEU B 86 34.57 1.86 0.77
C LEU B 86 35.89 1.42 1.39
N GLU B 87 36.32 2.07 2.49
CA GLU B 87 37.58 1.72 3.13
C GLU B 87 37.64 0.22 3.46
N LEU B 88 36.64 -0.27 4.20
CA LEU B 88 36.56 -1.71 4.47
C LEU B 88 36.68 -2.56 3.21
N LEU B 89 36.16 -2.08 2.07
CA LEU B 89 36.30 -2.83 0.83
C LEU B 89 37.76 -2.92 0.42
N MET B 90 38.48 -1.80 0.47
CA MET B 90 39.91 -1.82 0.18
C MET B 90 40.66 -2.73 1.15
N ALA B 91 40.38 -2.59 2.45
CA ALA B 91 41.01 -3.45 3.44
C ALA B 91 40.75 -4.92 3.14
N ALA B 92 39.50 -5.26 2.82
CA ALA B 92 39.15 -6.66 2.57
C ALA B 92 39.84 -7.16 1.31
N ASN B 93 39.87 -6.29 0.31
CA ASN B 93 40.55 -6.56 -0.94
C ASN B 93 42.05 -6.87 -0.75
N PHE B 94 42.74 -6.06 0.06
CA PHE B 94 44.19 -6.25 0.26
C PHE B 94 44.48 -7.55 0.98
N LEU B 95 43.80 -7.79 2.11
CA LEU B 95 43.96 -8.95 2.98
C LEU B 95 43.31 -10.20 2.42
N ASP B 96 42.45 -10.07 1.40
CA ASP B 96 41.73 -11.17 0.80
C ASP B 96 40.69 -11.77 1.73
N CYS B 97 40.43 -11.16 2.91
CA CYS B 97 39.48 -11.81 3.80
C CYS B 97 38.05 -11.48 3.28
N LEU C 12 23.46 -29.51 -15.91
CA LEU C 12 22.57 -29.23 -14.79
C LEU C 12 21.14 -29.07 -15.28
N ARG C 13 20.30 -30.06 -15.00
CA ARG C 13 18.92 -30.00 -15.45
C ARG C 13 18.05 -30.80 -14.49
N SER C 14 16.82 -30.33 -14.28
CA SER C 14 15.86 -31.16 -13.57
C SER C 14 15.69 -32.49 -14.30
N VAL C 15 15.62 -33.56 -13.52
CA VAL C 15 15.31 -34.90 -14.01
C VAL C 15 13.78 -35.08 -14.02
N ASN C 16 13.17 -35.06 -15.21
CA ASN C 16 11.72 -35.22 -15.39
C ASN C 16 11.20 -36.55 -14.82
N SER C 17 11.05 -36.65 -13.50
CA SER C 17 10.67 -37.90 -12.86
C SER C 17 9.18 -38.14 -12.83
N ARG C 18 8.37 -37.06 -12.87
CA ARG C 18 6.91 -37.07 -12.74
C ARG C 18 6.39 -37.60 -11.40
N GLU C 19 7.31 -37.96 -10.48
CA GLU C 19 7.05 -38.37 -9.11
C GLU C 19 6.92 -37.12 -8.26
N PRO C 20 5.72 -36.72 -7.86
CA PRO C 20 5.55 -35.40 -7.24
C PRO C 20 6.35 -35.33 -5.95
N SER C 21 6.59 -34.11 -5.48
CA SER C 21 7.41 -33.98 -4.28
C SER C 21 7.05 -32.71 -3.53
N GLN C 22 6.66 -32.90 -2.28
CA GLN C 22 6.04 -31.83 -1.52
C GLN C 22 7.09 -31.04 -0.78
N VAL C 23 7.20 -29.75 -1.06
CA VAL C 23 8.33 -29.00 -0.55
C VAL C 23 7.85 -27.69 0.05
N ILE C 24 8.51 -27.29 1.14
CA ILE C 24 8.27 -26.02 1.79
C ILE C 24 9.51 -25.18 1.63
N PHE C 25 9.32 -24.03 1.01
CA PHE C 25 10.34 -23.03 0.88
C PHE C 25 10.37 -22.17 2.12
N ASN C 27 12.10 -19.33 4.26
CA ASN C 27 13.05 -18.21 4.11
C ASN C 27 13.68 -17.68 5.42
N ARG C 28 14.79 -18.29 5.82
CA ARG C 28 15.58 -17.94 7.00
C ARG C 28 16.66 -16.90 6.68
N SER C 29 16.37 -15.92 5.84
CA SER C 29 17.33 -14.87 5.52
C SER C 29 16.61 -13.54 5.61
N PRO C 30 17.35 -12.45 5.83
CA PRO C 30 16.75 -11.12 5.73
C PRO C 30 16.61 -10.58 4.32
N ARG C 31 16.81 -11.41 3.31
CA ARG C 31 16.68 -11.01 1.92
C ARG C 31 15.35 -11.51 1.35
N VAL C 32 14.84 -10.79 0.37
CA VAL C 32 13.69 -11.29 -0.38
C VAL C 32 14.19 -12.42 -1.29
N VAL C 33 13.79 -13.67 -1.02
CA VAL C 33 14.32 -14.80 -1.77
C VAL C 33 13.62 -14.92 -3.14
N LEU C 34 14.39 -15.32 -4.15
CA LEU C 34 13.88 -15.60 -5.48
C LEU C 34 14.22 -17.05 -5.80
N PRO C 35 13.24 -17.95 -5.80
CA PRO C 35 13.52 -19.35 -6.12
C PRO C 35 13.64 -19.54 -7.61
N VAL C 36 14.56 -20.42 -8.00
CA VAL C 36 14.98 -20.58 -9.38
C VAL C 36 14.99 -22.06 -9.69
N TRP C 37 14.06 -22.49 -10.55
CA TRP C 37 13.93 -23.88 -10.96
C TRP C 37 14.68 -24.04 -12.27
N LEU C 38 15.52 -25.09 -12.37
CA LEU C 38 16.29 -25.43 -13.58
C LEU C 38 15.52 -26.45 -14.39
N ASN C 39 14.88 -25.99 -15.47
CA ASN C 39 13.94 -26.85 -16.18
C ASN C 39 14.69 -27.99 -16.86
N PHE C 40 14.02 -28.70 -17.77
CA PHE C 40 14.58 -29.96 -18.24
C PHE C 40 15.73 -29.75 -19.20
N ASP C 41 15.83 -28.55 -19.77
CA ASP C 41 16.93 -28.15 -20.64
C ASP C 41 18.01 -27.37 -19.92
N GLY C 42 17.91 -27.25 -18.59
CA GLY C 42 18.88 -26.51 -17.82
C GLY C 42 18.65 -25.01 -17.72
N GLU C 43 17.72 -24.44 -18.48
CA GLU C 43 17.44 -23.00 -18.35
C GLU C 43 16.83 -22.65 -16.98
N PRO C 44 17.17 -21.49 -16.44
CA PRO C 44 16.65 -21.12 -15.12
C PRO C 44 15.26 -20.48 -15.23
N GLN C 45 14.34 -20.97 -14.41
CA GLN C 45 12.96 -20.50 -14.41
C GLN C 45 12.65 -19.81 -13.09
N PRO C 46 12.24 -18.57 -13.11
CA PRO C 46 12.05 -17.85 -11.86
C PRO C 46 10.66 -18.02 -11.26
N TYR C 47 10.62 -18.45 -10.00
CA TYR C 47 9.37 -18.57 -9.26
C TYR C 47 9.08 -17.29 -8.50
N PRO C 48 7.87 -17.12 -7.96
CA PRO C 48 7.55 -15.87 -7.28
C PRO C 48 8.24 -15.85 -5.92
N THR C 49 8.45 -14.63 -5.40
CA THR C 49 9.41 -14.45 -4.31
C THR C 49 8.76 -14.64 -2.95
N LEU C 50 9.60 -15.06 -1.99
CA LEU C 50 9.26 -15.16 -0.58
C LEU C 50 9.79 -13.96 0.17
N PRO C 51 8.95 -13.11 0.77
CA PRO C 51 9.46 -12.12 1.71
C PRO C 51 10.31 -12.79 2.78
N PRO C 52 11.19 -12.05 3.45
CA PRO C 52 12.01 -12.68 4.48
C PRO C 52 11.15 -13.21 5.62
N GLY C 53 11.49 -14.42 6.10
CA GLY C 53 10.85 -15.02 7.26
C GLY C 53 9.50 -15.67 6.98
N THR C 54 9.05 -15.61 5.73
CA THR C 54 7.82 -16.19 5.26
C THR C 54 8.13 -17.48 4.53
N GLY C 55 7.18 -18.43 4.59
CA GLY C 55 7.32 -19.71 3.96
C GLY C 55 6.21 -19.98 2.93
N ARG C 56 6.45 -21.02 2.15
CA ARG C 56 5.56 -21.35 1.04
C ARG C 56 5.67 -22.84 0.78
N ARG C 57 4.58 -23.55 1.01
CA ARG C 57 4.49 -24.95 0.61
C ARG C 57 4.32 -24.99 -0.90
N ILE C 58 5.06 -25.87 -1.56
CA ILE C 58 5.12 -25.85 -3.02
C ILE C 58 5.23 -27.26 -3.53
N HIS C 59 4.87 -27.44 -4.80
CA HIS C 59 4.68 -28.76 -5.39
C HIS C 59 5.76 -28.94 -6.44
N SER C 60 6.66 -29.87 -6.21
CA SER C 60 7.63 -30.16 -7.24
C SER C 60 7.76 -31.65 -7.40
N TYR C 61 8.91 -32.11 -7.86
CA TYR C 61 9.07 -33.51 -8.21
C TYR C 61 10.46 -33.96 -7.85
N ARG C 62 10.55 -35.22 -7.45
CA ARG C 62 11.84 -35.86 -7.29
C ARG C 62 12.76 -35.54 -8.46
N GLY C 63 14.03 -35.30 -8.18
CA GLY C 63 15.02 -35.05 -9.22
C GLY C 63 14.99 -33.68 -9.86
N HIS C 64 14.26 -32.71 -9.30
CA HIS C 64 14.28 -31.38 -9.87
C HIS C 64 15.35 -30.51 -9.20
N LEU C 65 15.68 -29.41 -9.86
CA LEU C 65 16.85 -28.61 -9.52
C LEU C 65 16.43 -27.21 -9.12
N TRP C 66 16.64 -26.86 -7.85
CA TRP C 66 16.32 -25.54 -7.32
C TRP C 66 17.56 -24.83 -6.78
N LEU C 67 17.66 -23.54 -7.06
CA LEU C 67 18.59 -22.65 -6.40
C LEU C 67 17.87 -21.35 -6.05
N PHE C 68 18.45 -20.58 -5.12
CA PHE C 68 17.77 -19.37 -4.65
C PHE C 68 18.78 -18.26 -4.54
N ARG C 69 18.28 -17.04 -4.70
CA ARG C 69 19.08 -15.84 -4.75
C ARG C 69 18.35 -14.74 -3.97
N ASP C 70 19.11 -13.79 -3.42
CA ASP C 70 18.55 -12.48 -3.18
C ASP C 70 17.87 -12.03 -4.48
N ALA C 71 16.65 -11.51 -4.37
CA ALA C 71 15.85 -11.24 -5.55
C ALA C 71 15.96 -9.80 -6.01
N GLY C 72 17.05 -9.10 -5.66
CA GLY C 72 17.14 -7.71 -6.04
C GLY C 72 18.54 -7.44 -6.54
N THR C 73 19.40 -8.37 -6.19
CA THR C 73 20.81 -8.27 -6.41
C THR C 73 21.37 -9.58 -6.89
N HIS C 74 20.60 -10.66 -6.82
CA HIS C 74 20.98 -11.98 -7.24
C HIS C 74 22.14 -12.54 -6.44
N ASP C 75 22.39 -11.97 -5.26
CA ASP C 75 23.39 -12.54 -4.38
C ASP C 75 23.02 -14.00 -4.10
N GLY C 76 24.03 -14.84 -3.87
CA GLY C 76 23.80 -16.27 -3.77
C GLY C 76 23.41 -16.65 -2.35
N LEU C 77 22.37 -17.45 -2.23
CA LEU C 77 21.98 -17.90 -0.91
C LEU C 77 22.24 -19.39 -0.80
N LEU C 78 22.09 -19.90 0.42
CA LEU C 78 22.19 -21.32 0.66
C LEU C 78 20.79 -21.94 0.80
N VAL C 79 20.68 -23.21 0.42
CA VAL C 79 19.47 -23.97 0.70
C VAL C 79 19.93 -25.26 1.31
N ASN C 80 19.60 -25.46 2.59
CA ASN C 80 20.12 -26.57 3.37
C ASN C 80 21.65 -26.63 3.24
N GLN C 81 22.26 -25.45 3.09
CA GLN C 81 23.71 -25.28 3.12
C GLN C 81 24.46 -25.86 1.90
N GLU C 83 23.71 -25.24 -1.20
CA GLU C 83 23.75 -24.75 -2.59
C GLU C 83 22.72 -25.16 -3.67
N LEU C 84 22.59 -26.45 -4.00
CA LEU C 84 21.53 -26.94 -4.87
C LEU C 84 20.58 -27.80 -4.07
N PHE C 85 19.29 -27.56 -4.24
CA PHE C 85 18.24 -28.28 -3.54
C PHE C 85 17.52 -29.19 -4.53
N VAL C 86 17.52 -30.49 -4.24
CA VAL C 86 16.79 -31.46 -5.02
C VAL C 86 15.70 -32.06 -4.14
N PRO C 87 14.42 -31.87 -4.46
CA PRO C 87 13.37 -32.61 -3.79
C PRO C 87 13.59 -34.10 -3.96
N SER C 88 13.62 -34.81 -2.83
CA SER C 88 13.71 -36.26 -2.76
C SER C 88 12.37 -36.81 -2.31
N LEU C 89 12.29 -38.13 -2.21
CA LEU C 89 11.03 -38.77 -1.81
C LEU C 89 10.54 -38.26 -0.46
N ASN C 90 9.22 -38.07 -0.33
CA ASN C 90 8.68 -37.67 0.97
C ASN C 90 8.67 -38.87 1.93
N PRO C 95 6.35 -33.96 3.74
CA PRO C 95 6.94 -32.94 2.85
C PRO C 95 8.48 -32.76 3.06
N ILE C 96 9.14 -31.93 2.24
CA ILE C 96 10.59 -31.72 2.34
C ILE C 96 10.84 -30.24 2.59
N PHE C 97 11.87 -29.95 3.39
CA PHE C 97 12.13 -28.61 3.89
C PHE C 97 13.39 -28.07 3.25
N ALA C 98 13.24 -26.93 2.58
CA ALA C 98 14.32 -26.25 1.88
C ALA C 98 14.59 -25.00 2.69
N ASN C 99 15.65 -25.04 3.50
CA ASN C 99 15.99 -23.97 4.43
C ASN C 99 16.96 -23.00 3.77
N ILE C 100 16.49 -21.78 3.53
CA ILE C 100 17.20 -20.81 2.69
C ILE C 100 17.85 -19.80 3.63
N THR C 101 19.19 -19.87 3.74
CA THR C 101 19.94 -19.08 4.72
C THR C 101 20.96 -18.18 4.04
N LEU C 102 21.35 -17.12 4.75
CA LEU C 102 22.51 -16.35 4.34
C LEU C 102 23.73 -17.26 4.41
N PRO C 103 24.61 -17.21 3.43
CA PRO C 103 25.96 -17.78 3.62
C PRO C 103 26.83 -16.82 4.42
N VAL C 104 27.96 -17.34 4.89
CA VAL C 104 29.01 -16.47 5.44
C VAL C 104 29.80 -15.98 4.24
N TYR C 105 29.30 -14.90 3.61
CA TYR C 105 30.03 -14.27 2.50
C TYR C 105 31.47 -13.94 2.89
N THR C 106 32.38 -13.77 1.91
CA THR C 106 33.65 -13.12 2.20
C THR C 106 33.41 -11.66 2.60
N LEU C 107 34.40 -11.06 3.27
CA LEU C 107 34.27 -9.65 3.63
C LEU C 107 34.28 -8.77 2.38
N LYS C 108 35.06 -9.19 1.37
CA LYS C 108 35.13 -8.44 0.12
C LYS C 108 33.78 -8.40 -0.58
N GLU C 109 33.22 -9.58 -0.85
CA GLU C 109 31.91 -9.67 -1.49
C GLU C 109 30.87 -8.89 -0.69
N ARG C 110 30.87 -9.08 0.64
CA ARG C 110 29.92 -8.37 1.48
C ARG C 110 30.05 -6.86 1.30
N CYS C 111 31.28 -6.37 1.11
CA CYS C 111 31.42 -4.93 0.89
C CYS C 111 31.00 -4.56 -0.53
N LEU C 112 31.34 -5.41 -1.50
CA LEU C 112 30.79 -5.23 -2.84
C LEU C 112 29.28 -5.12 -2.76
N GLN C 113 28.67 -5.95 -1.92
CA GLN C 113 27.22 -5.89 -1.79
C GLN C 113 26.79 -4.53 -1.30
N VAL C 114 27.32 -4.10 -0.18
CA VAL C 114 26.86 -2.82 0.38
C VAL C 114 27.14 -1.68 -0.59
N VAL C 115 28.31 -1.67 -1.24
CA VAL C 115 28.64 -0.56 -2.11
C VAL C 115 27.71 -0.53 -3.31
N ARG C 116 27.57 -1.67 -3.98
CA ARG C 116 26.68 -1.85 -5.12
C ARG C 116 25.34 -1.18 -4.85
N SER C 117 24.87 -1.38 -3.62
CA SER C 117 23.52 -1.03 -3.21
C SER C 117 23.40 0.41 -2.78
N LEU C 118 24.50 1.14 -2.71
CA LEU C 118 24.43 2.55 -2.38
C LEU C 118 24.88 3.44 -3.52
N VAL C 119 25.39 2.88 -4.61
CA VAL C 119 25.89 3.66 -5.75
C VAL C 119 25.40 3.04 -7.06
N LYS C 120 24.76 3.87 -7.89
CA LYS C 120 24.32 3.51 -9.24
C LYS C 120 25.51 3.12 -10.11
N PRO C 121 25.33 2.20 -11.05
CA PRO C 121 26.58 1.95 -11.80
C PRO C 121 26.78 2.96 -12.91
N LEU C 127 34.45 7.16 -8.74
CA LEU C 127 34.57 6.49 -7.44
C LEU C 127 36.02 6.19 -7.07
N ASP C 128 36.41 6.25 -5.80
CA ASP C 128 37.84 6.29 -5.41
C ASP C 128 38.40 4.99 -4.85
N ILE C 129 38.75 4.07 -5.75
CA ILE C 129 39.29 2.76 -5.43
C ILE C 129 40.16 2.32 -6.61
N VAL C 130 40.95 1.26 -6.41
CA VAL C 130 41.80 0.74 -7.50
C VAL C 130 40.96 0.30 -8.71
N ARG C 131 41.64 0.14 -9.84
CA ARG C 131 40.95 -0.29 -11.04
C ARG C 131 40.45 -1.73 -10.92
N SER C 132 41.13 -2.56 -10.14
CA SER C 132 40.71 -3.95 -10.05
C SER C 132 39.39 -4.09 -9.34
N LEU C 133 39.09 -3.14 -8.44
CA LEU C 133 37.83 -3.09 -7.71
C LEU C 133 36.68 -2.53 -8.53
N TYR C 134 36.94 -1.58 -9.43
CA TYR C 134 35.91 -1.16 -10.36
C TYR C 134 35.32 -2.38 -11.08
N GLU C 135 36.18 -3.29 -11.53
CA GLU C 135 35.68 -4.49 -12.20
C GLU C 135 34.94 -5.40 -11.24
N ASP C 136 35.46 -5.60 -10.03
CA ASP C 136 34.76 -6.46 -9.08
C ASP C 136 33.34 -5.96 -8.85
N LEU C 137 33.19 -4.64 -8.65
CA LEU C 137 31.87 -4.04 -8.47
C LEU C 137 30.95 -4.25 -9.66
N GLU C 138 31.52 -4.38 -10.85
CA GLU C 138 30.73 -4.55 -12.05
C GLU C 138 30.48 -6.01 -12.38
N ASP C 139 31.28 -6.92 -11.82
CA ASP C 139 31.04 -8.35 -11.98
C ASP C 139 29.91 -8.79 -11.05
N HIS C 140 28.70 -8.36 -11.40
CA HIS C 140 27.53 -8.68 -10.61
C HIS C 140 27.39 -10.19 -10.42
N PRO C 141 26.84 -10.61 -9.29
CA PRO C 141 26.43 -12.01 -9.18
C PRO C 141 25.41 -12.31 -10.27
N ASN C 142 25.58 -13.44 -10.93
CA ASN C 142 24.67 -13.77 -12.01
C ASN C 142 24.34 -15.25 -11.97
N VAL C 143 23.10 -15.58 -12.31
CA VAL C 143 22.66 -16.97 -12.24
C VAL C 143 23.30 -17.78 -13.36
N GLN C 144 23.17 -17.29 -14.61
CA GLN C 144 23.83 -17.94 -15.74
C GLN C 144 25.30 -18.17 -15.44
N LYS C 145 25.92 -17.23 -14.70
CA LYS C 145 27.33 -17.31 -14.36
C LYS C 145 27.60 -18.47 -13.40
N ASP C 146 27.01 -18.42 -12.20
CA ASP C 146 27.19 -19.48 -11.21
C ASP C 146 26.92 -20.85 -11.77
N LEU C 147 26.03 -20.95 -12.76
CA LEU C 147 25.59 -22.26 -13.22
C LEU C 147 26.75 -23.01 -13.84
N GLU C 148 27.51 -22.37 -14.72
CA GLU C 148 28.64 -23.04 -15.35
C GLU C 148 29.58 -23.62 -14.29
N ARG C 149 29.74 -22.90 -13.19
CA ARG C 149 30.54 -23.31 -12.05
C ARG C 149 29.94 -24.53 -11.36
N MET D 1 11.52 19.31 4.22
CA MET D 1 10.94 20.60 3.83
C MET D 1 12.03 21.65 3.76
N ASP D 2 12.55 21.89 2.56
CA ASP D 2 13.77 22.66 2.38
C ASP D 2 13.50 24.15 2.22
N VAL D 3 14.38 24.97 2.78
CA VAL D 3 14.34 26.42 2.59
C VAL D 3 15.69 26.83 2.02
N PHE D 4 15.69 27.93 1.24
CA PHE D 4 16.84 28.33 0.45
C PHE D 4 17.20 29.77 0.75
N LEU D 5 18.42 29.96 1.26
CA LEU D 5 18.78 31.16 1.98
C LEU D 5 19.90 31.91 1.28
N MET D 6 19.89 33.22 1.46
CA MET D 6 21.04 34.07 1.22
C MET D 6 21.43 34.60 2.59
N ILE D 7 22.59 34.16 3.10
CA ILE D 7 23.14 34.65 4.35
C ILE D 7 24.18 35.73 4.03
N ARG D 8 23.91 36.94 4.49
CA ARG D 8 24.57 38.13 3.97
C ARG D 8 25.11 39.03 5.10
N ARG D 9 26.43 39.26 5.09
CA ARG D 9 27.11 40.29 5.89
C ARG D 9 28.01 41.12 4.99
N HIS D 10 28.06 42.44 5.23
CA HIS D 10 28.99 43.34 4.54
C HIS D 10 28.94 43.18 3.03
N LYS D 11 29.96 42.57 2.44
CA LYS D 11 29.97 42.28 1.01
C LYS D 11 30.10 40.78 0.75
N THR D 12 29.63 39.97 1.69
CA THR D 12 29.64 38.52 1.56
C THR D 12 28.20 38.01 1.40
N THR D 13 28.06 36.85 0.75
CA THR D 13 26.73 36.31 0.45
C THR D 13 26.89 34.81 0.26
N ILE D 14 26.54 34.03 1.27
CA ILE D 14 26.56 32.57 1.18
C ILE D 14 25.24 32.04 0.61
N PHE D 15 25.33 31.20 -0.41
CA PHE D 15 24.14 30.54 -0.93
C PHE D 15 24.13 29.14 -0.33
N THR D 16 23.27 28.94 0.66
CA THR D 16 23.09 27.66 1.31
C THR D 16 21.59 27.33 1.38
N ASP D 17 21.28 26.14 1.85
CA ASP D 17 19.92 25.66 1.97
C ASP D 17 19.74 25.04 3.35
N ALA D 18 18.48 24.83 3.74
CA ALA D 18 18.16 24.30 5.06
C ALA D 18 16.76 23.67 5.05
N LYS D 19 16.47 22.95 6.12
CA LYS D 19 15.11 22.48 6.40
C LYS D 19 14.36 23.55 7.17
N GLU D 20 13.04 23.51 7.06
CA GLU D 20 12.19 24.41 7.83
C GLU D 20 12.28 24.11 9.33
N SER D 21 12.55 22.86 9.70
CA SER D 21 12.64 22.48 11.10
C SER D 21 14.03 22.71 11.71
N SER D 22 15.09 22.84 10.90
CA SER D 22 16.39 23.17 11.48
C SER D 22 16.33 24.51 12.18
N THR D 23 17.33 24.80 13.01
CA THR D 23 17.24 25.93 13.93
C THR D 23 18.36 26.94 13.70
N VAL D 24 18.10 28.16 14.20
CA VAL D 24 19.04 29.27 14.07
C VAL D 24 20.45 28.87 14.49
N PHE D 25 20.58 28.15 15.61
CA PHE D 25 21.91 27.69 16.01
C PHE D 25 22.50 26.79 14.95
N GLU D 26 21.69 25.87 14.41
CA GLU D 26 22.18 24.99 13.35
C GLU D 26 22.70 25.79 12.15
N LEU D 27 22.00 26.87 11.79
CA LEU D 27 22.49 27.72 10.71
C LEU D 27 23.70 28.54 11.15
N LYS D 28 23.92 28.71 12.45
CA LYS D 28 25.18 29.33 12.86
C LYS D 28 26.35 28.35 12.67
N ARG D 29 26.08 27.04 12.75
CA ARG D 29 27.10 26.01 12.55
C ARG D 29 27.48 25.84 11.08
N ILE D 30 26.58 26.21 10.15
CA ILE D 30 26.87 26.19 8.72
C ILE D 30 27.76 27.38 8.34
N VAL D 31 27.56 28.51 8.99
CA VAL D 31 28.36 29.68 8.67
C VAL D 31 29.78 29.52 9.21
N GLU D 32 29.96 28.72 10.28
CA GLU D 32 31.27 28.64 10.93
C GLU D 32 32.26 27.82 10.11
N GLY D 33 31.77 26.76 9.46
CA GLY D 33 32.55 26.05 8.45
C GLY D 33 32.88 26.88 7.22
N ILE D 34 32.63 28.18 7.26
CA ILE D 34 32.90 29.08 6.16
C ILE D 34 33.46 30.39 6.71
N PRO D 39 30.05 29.88 16.61
CA PRO D 39 28.65 30.26 16.57
C PRO D 39 28.29 31.36 17.56
N ASP D 40 28.93 31.35 18.72
CA ASP D 40 28.60 32.39 19.70
C ASP D 40 29.17 33.75 19.33
N GLU D 41 29.97 33.82 18.27
CA GLU D 41 30.43 35.09 17.72
C GLU D 41 29.51 35.59 16.63
N GLN D 42 28.47 34.81 16.32
CA GLN D 42 27.55 35.05 15.23
C GLN D 42 26.21 35.57 15.74
N ARG D 43 25.54 36.34 14.89
CA ARG D 43 24.21 36.85 15.21
C ARG D 43 23.43 36.89 13.91
N LEU D 44 22.37 36.08 13.82
CA LEU D 44 21.58 35.96 12.61
C LEU D 44 20.31 36.79 12.72
N TYR D 45 19.91 37.40 11.61
CA TYR D 45 18.88 38.42 11.57
C TYR D 45 17.87 38.13 10.46
N LYS D 46 16.58 38.36 10.73
CA LYS D 46 15.58 38.42 9.65
C LYS D 46 15.13 39.86 9.58
N ASP D 47 15.67 40.60 8.61
CA ASP D 47 15.53 42.05 8.51
C ASP D 47 16.21 42.64 9.75
N ASP D 48 15.49 43.35 10.63
CA ASP D 48 16.03 43.98 11.83
C ASP D 48 16.04 43.05 13.03
N GLN D 49 15.14 42.09 13.11
CA GLN D 49 15.01 41.28 14.31
C GLN D 49 16.20 40.35 14.48
N LEU D 50 16.58 40.10 15.74
CA LEU D 50 17.56 39.08 16.09
C LEU D 50 16.88 37.73 16.34
N LEU D 51 17.60 36.65 16.07
CA LEU D 51 17.04 35.30 16.02
C LEU D 51 17.59 34.46 17.16
N ASP D 52 16.70 34.02 18.04
CA ASP D 52 17.13 33.18 19.15
C ASP D 52 17.55 31.83 18.60
N ASP D 53 18.62 31.28 19.16
CA ASP D 53 19.20 30.05 18.65
C ASP D 53 18.32 28.82 18.88
N GLY D 54 17.41 28.83 19.85
CA GLY D 54 16.53 27.69 19.99
C GLY D 54 15.42 27.60 18.96
N LYS D 55 15.07 28.74 18.36
CA LYS D 55 13.94 28.86 17.44
C LYS D 55 14.24 28.20 16.09
N THR D 56 13.19 27.68 15.45
CA THR D 56 13.33 27.05 14.14
C THR D 56 13.10 28.07 13.04
N LEU D 57 13.50 27.69 11.83
CA LEU D 57 13.52 28.62 10.71
C LEU D 57 12.10 28.96 10.25
N GLY D 58 11.20 27.98 10.26
CA GLY D 58 9.82 28.25 9.91
C GLY D 58 9.15 29.11 10.96
N GLU D 59 9.51 28.90 12.24
CA GLU D 59 9.09 29.74 13.35
C GLU D 59 9.32 31.21 13.04
N GLY D 61 9.55 32.40 10.14
CA GLY D 61 8.93 32.68 8.86
C GLY D 61 9.78 32.44 7.63
N PHE D 62 10.72 31.51 7.75
CA PHE D 62 11.51 31.00 6.63
C PHE D 62 10.81 29.74 6.15
N THR D 63 9.87 29.94 5.24
CA THR D 63 9.06 28.85 4.72
C THR D 63 9.58 28.44 3.35
N SER D 64 9.57 27.13 3.09
CA SER D 64 9.75 26.56 1.77
C SER D 64 9.23 27.47 0.68
N GLN D 65 8.00 27.94 0.86
CA GLN D 65 7.34 28.67 -0.21
C GLN D 65 7.86 30.10 -0.34
N THR D 66 8.42 30.69 0.69
CA THR D 66 9.03 32.00 0.49
C THR D 66 10.54 31.94 0.34
N ALA D 67 11.24 31.11 1.09
CA ALA D 67 12.64 30.88 0.81
C ALA D 67 12.72 29.91 -0.38
N ARG D 68 12.79 30.47 -1.66
CA ARG D 68 12.71 29.61 -2.86
C ARG D 68 14.06 29.48 -3.56
N PRO D 69 14.35 28.33 -4.22
CA PRO D 69 15.64 28.22 -4.93
C PRO D 69 15.91 29.35 -5.92
N GLN D 70 14.93 29.72 -6.71
CA GLN D 70 15.13 30.83 -7.63
C GLN D 70 15.00 32.18 -6.96
N ALA D 71 14.65 32.22 -5.68
CA ALA D 71 14.22 33.45 -5.02
C ALA D 71 14.47 33.32 -3.53
N PRO D 72 15.73 33.24 -3.12
CA PRO D 72 16.04 32.81 -1.76
C PRO D 72 15.77 33.90 -0.73
N ALA D 73 15.52 33.47 0.50
CA ALA D 73 15.30 34.38 1.61
C ALA D 73 16.63 34.88 2.18
N THR D 74 16.61 36.11 2.69
CA THR D 74 17.83 36.77 3.13
C THR D 74 17.98 36.74 4.65
N VAL D 75 19.22 36.61 5.12
CA VAL D 75 19.51 36.42 6.54
C VAL D 75 20.76 37.21 6.87
N GLY D 76 20.64 38.22 7.73
CA GLY D 76 21.77 39.10 8.03
C GLY D 76 22.75 38.46 9.00
N LEU D 77 24.02 38.73 8.77
CA LEU D 77 25.07 38.19 9.61
C LEU D 77 25.87 39.34 10.21
N ALA D 78 26.24 39.21 11.49
CA ALA D 78 26.98 40.26 12.20
C ALA D 78 27.94 39.70 13.24
N LEU D 88 25.09 45.12 12.13
CA LEU D 88 24.60 44.46 10.92
C LEU D 88 24.69 45.41 9.71
N ILE D 90 24.96 45.39 5.36
CA ILE D 90 24.69 44.61 4.15
C ILE D 90 24.81 45.49 2.91
N GLU D 91 25.93 45.33 2.22
CA GLU D 91 26.20 46.11 1.01
C GLU D 91 25.24 45.71 -0.09
N PRO D 92 24.48 46.64 -0.65
CA PRO D 92 23.54 46.30 -1.72
C PRO D 92 24.25 45.81 -2.97
N PHE D 93 23.48 45.16 -3.85
CA PHE D 93 24.07 44.83 -5.14
C PHE D 93 24.02 46.05 -6.06
N SER D 94 24.64 45.90 -7.22
CA SER D 94 24.81 47.01 -8.14
C SER D 94 23.49 47.36 -8.85
N SER D 95 23.47 48.51 -9.49
CA SER D 95 22.21 48.85 -10.14
C SER D 95 22.31 48.75 -11.65
N PRO D 96 21.27 48.25 -12.32
CA PRO D 96 21.34 47.98 -13.76
C PRO D 96 21.06 49.24 -14.56
N PRO D 97 21.24 49.19 -15.91
CA PRO D 97 20.98 50.37 -16.74
C PRO D 97 19.52 50.75 -16.89
N GLU D 98 19.16 51.36 -18.02
CA GLU D 98 17.79 51.80 -18.27
C GLU D 98 17.10 50.93 -19.33
N TYR E 3 32.48 24.08 -0.95
CA TYR E 3 32.11 25.48 -1.27
C TYR E 3 33.19 26.22 -2.08
N VAL E 4 32.79 27.20 -2.91
CA VAL E 4 33.72 28.07 -3.61
C VAL E 4 33.24 29.51 -3.49
N LYS E 5 34.07 30.44 -3.95
CA LYS E 5 33.79 31.86 -3.82
C LYS E 5 33.92 32.53 -5.18
N LEU E 6 32.85 33.20 -5.63
CA LEU E 6 32.77 33.85 -6.93
C LEU E 6 32.58 35.34 -6.67
N ILE E 7 33.55 36.14 -7.11
CA ILE E 7 33.57 37.57 -6.82
C ILE E 7 33.17 38.29 -8.08
N SER E 8 32.43 39.38 -7.94
CA SER E 8 31.83 40.09 -9.06
C SER E 8 32.74 41.22 -9.55
N SER E 9 32.23 42.03 -10.49
CA SER E 9 32.97 43.20 -10.98
C SER E 9 33.11 44.30 -9.95
N ASP E 10 32.26 44.32 -8.92
CA ASP E 10 32.24 45.39 -7.93
C ASP E 10 32.68 44.93 -6.55
N GLY E 11 33.12 43.68 -6.40
CA GLY E 11 33.71 43.21 -5.16
C GLY E 11 32.84 42.30 -4.32
N HIS E 12 31.59 42.08 -4.69
CA HIS E 12 30.71 41.20 -3.92
C HIS E 12 31.17 39.75 -4.02
N GLU E 13 31.39 39.12 -2.87
CA GLU E 13 31.82 37.74 -2.80
C GLU E 13 30.63 36.82 -2.55
N PHE E 14 30.36 35.91 -3.50
CA PHE E 14 29.28 34.96 -3.35
C PHE E 14 29.87 33.57 -3.12
N ILE E 15 29.39 32.87 -2.09
CA ILE E 15 29.89 31.55 -1.70
C ILE E 15 28.82 30.52 -2.03
N VAL E 16 29.06 29.69 -3.04
CA VAL E 16 28.08 28.68 -3.39
C VAL E 16 28.74 27.32 -3.25
N LYS E 17 27.90 26.29 -3.03
CA LYS E 17 28.39 24.93 -2.97
C LYS E 17 29.28 24.64 -4.17
N ARG E 18 30.28 23.77 -3.99
CA ARG E 18 31.17 23.52 -5.11
C ARG E 18 30.42 22.87 -6.27
N GLU E 19 29.64 21.83 -5.99
CA GLU E 19 28.94 21.12 -7.04
C GLU E 19 28.07 22.05 -7.85
N HIS E 20 27.38 22.98 -7.19
CA HIS E 20 26.60 23.99 -7.90
C HIS E 20 27.45 24.72 -8.94
N ALA E 21 28.63 25.19 -8.53
CA ALA E 21 29.42 26.02 -9.42
C ALA E 21 30.01 25.21 -10.57
N LEU E 22 30.21 23.92 -10.37
CA LEU E 22 30.78 23.09 -11.41
C LEU E 22 29.76 22.75 -12.48
N THR E 23 28.56 23.31 -12.39
CA THR E 23 27.64 23.22 -13.51
C THR E 23 28.16 23.97 -14.74
N SER E 24 28.69 25.18 -14.56
CA SER E 24 29.38 25.78 -15.69
C SER E 24 30.74 25.10 -15.91
N GLY E 25 31.16 25.04 -17.17
CA GLY E 25 32.42 24.41 -17.50
C GLY E 25 33.52 25.46 -17.52
N THR E 26 33.10 26.67 -17.91
CA THR E 26 33.94 27.87 -17.81
C THR E 26 34.45 28.07 -16.39
N ILE E 27 33.55 27.95 -15.41
CA ILE E 27 33.97 28.10 -14.02
C ILE E 27 34.79 26.89 -13.57
N LYS E 28 34.36 25.68 -13.98
CA LYS E 28 35.15 24.49 -13.67
C LYS E 28 36.61 24.63 -14.12
N ALA E 29 36.82 25.15 -15.33
CA ALA E 29 38.18 25.37 -15.81
C ALA E 29 38.88 26.42 -14.99
N MET E 30 38.15 27.42 -14.49
CA MET E 30 38.75 28.44 -13.67
C MET E 30 38.90 27.99 -12.21
N ASN E 43 40.78 28.48 -4.55
CA ASN E 43 39.61 28.39 -5.42
C ASN E 43 38.69 29.60 -5.24
N GLU E 44 39.00 30.66 -5.97
CA GLU E 44 38.12 31.79 -6.17
C GLU E 44 38.19 32.17 -7.64
N VAL E 45 37.11 32.77 -8.15
CA VAL E 45 37.06 33.22 -9.53
C VAL E 45 36.62 34.67 -9.56
N ASN E 46 37.39 35.52 -10.23
CA ASN E 46 37.11 36.94 -10.32
C ASN E 46 36.55 37.26 -11.70
N PHE E 47 35.31 37.76 -11.75
CA PHE E 47 34.67 38.09 -13.03
C PHE E 47 34.78 39.60 -13.20
N ARG E 48 35.76 40.00 -14.00
CA ARG E 48 35.96 41.42 -14.24
C ARG E 48 34.72 42.06 -14.84
N GLU E 49 33.97 41.31 -15.63
CA GLU E 49 32.94 41.91 -16.46
C GLU E 49 31.54 41.80 -15.90
N ILE E 50 31.33 40.91 -14.94
CA ILE E 50 30.00 40.60 -14.43
C ILE E 50 29.81 41.36 -13.12
N PRO E 51 28.90 42.33 -13.06
CA PRO E 51 28.61 42.98 -11.78
C PRO E 51 27.89 42.03 -10.80
N SER E 52 27.50 42.55 -9.63
CA SER E 52 26.91 41.71 -8.59
C SER E 52 25.42 41.52 -8.80
N HIS E 53 24.71 42.55 -9.26
CA HIS E 53 23.30 42.40 -9.59
C HIS E 53 23.06 41.38 -10.70
N VAL E 54 24.10 40.94 -11.39
CA VAL E 54 24.02 39.84 -12.34
C VAL E 54 24.52 38.56 -11.72
N LEU E 55 25.70 38.59 -11.12
CA LEU E 55 26.28 37.38 -10.54
C LEU E 55 25.41 36.83 -9.42
N SER E 56 24.58 37.67 -8.79
CA SER E 56 23.64 37.16 -7.81
C SER E 56 22.63 36.23 -8.47
N LYS E 57 22.05 36.67 -9.60
CA LYS E 57 21.09 35.84 -10.33
C LYS E 57 21.71 34.52 -10.78
N VAL E 58 22.91 34.57 -11.33
CA VAL E 58 23.58 33.38 -11.82
C VAL E 58 23.70 32.33 -10.71
N CYS E 59 23.97 32.77 -9.49
CA CYS E 59 24.08 31.83 -8.39
C CYS E 59 22.71 31.30 -8.03
N MET E 60 21.69 32.15 -8.15
CA MET E 60 20.30 31.72 -7.90
C MET E 60 19.87 30.68 -8.93
N TYR E 61 20.27 30.88 -10.19
CA TYR E 61 20.04 29.87 -11.22
C TYR E 61 20.65 28.52 -10.82
N PHE E 62 21.91 28.52 -10.36
CA PHE E 62 22.55 27.29 -9.88
C PHE E 62 21.64 26.53 -8.91
N THR E 63 21.23 27.18 -7.82
CA THR E 63 20.32 26.54 -6.87
C THR E 63 19.08 26.00 -7.58
N TYR E 64 18.47 26.85 -8.41
CA TYR E 64 17.27 26.46 -9.14
C TYR E 64 17.54 25.22 -10.01
N LYS E 65 18.66 25.26 -10.76
CA LYS E 65 18.96 24.16 -11.65
C LYS E 65 19.17 22.88 -10.85
N VAL E 66 20.00 22.94 -9.81
CA VAL E 66 20.32 21.72 -9.06
C VAL E 66 19.06 21.17 -8.40
N ARG E 67 18.10 22.04 -8.09
CA ARG E 67 16.94 21.54 -7.38
C ARG E 67 15.93 20.92 -8.33
N TYR E 68 15.68 21.54 -9.46
CA TYR E 68 14.57 21.09 -10.28
C TYR E 68 14.98 20.23 -11.46
N THR E 69 16.29 20.10 -11.70
CA THR E 69 16.79 19.17 -12.69
C THR E 69 16.42 17.75 -12.30
N ASN E 70 15.49 17.16 -13.05
CA ASN E 70 14.97 15.81 -12.85
C ASN E 70 14.10 15.73 -11.62
N SER E 71 12.99 16.46 -11.61
CA SER E 71 12.05 16.33 -10.52
C SER E 71 10.68 16.04 -11.12
N SER E 72 10.00 15.05 -10.56
CA SER E 72 8.63 14.76 -10.95
C SER E 72 7.66 15.88 -10.56
N THR E 73 8.04 16.75 -9.63
CA THR E 73 7.20 17.87 -9.27
C THR E 73 7.11 18.88 -10.41
N GLU E 74 6.09 19.71 -10.34
CA GLU E 74 6.00 20.86 -11.22
C GLU E 74 7.19 21.78 -10.97
N ILE E 75 7.75 22.32 -12.06
CA ILE E 75 8.86 23.24 -12.02
C ILE E 75 8.32 24.66 -12.16
N PRO E 76 8.84 25.63 -11.39
CA PRO E 76 8.42 27.03 -11.54
C PRO E 76 9.30 27.81 -12.51
N GLU E 77 8.71 28.87 -13.05
CA GLU E 77 9.43 29.68 -14.01
C GLU E 77 10.60 30.38 -13.31
N PHE E 78 11.74 30.41 -14.00
CA PHE E 78 12.89 31.16 -13.51
C PHE E 78 12.70 32.65 -13.79
N PRO E 79 12.64 33.49 -12.76
CA PRO E 79 12.32 34.91 -12.99
C PRO E 79 13.58 35.66 -13.41
N ILE E 80 13.48 36.40 -14.51
CA ILE E 80 14.53 37.30 -14.99
C ILE E 80 13.91 38.69 -15.14
N ALA E 81 14.29 39.60 -14.26
CA ALA E 81 13.82 40.96 -14.40
C ALA E 81 14.39 41.57 -15.68
N PRO E 82 13.62 42.40 -16.38
CA PRO E 82 14.11 42.91 -17.67
C PRO E 82 15.39 43.73 -17.55
N GLU E 83 15.54 44.48 -16.47
CA GLU E 83 16.68 45.39 -16.34
C GLU E 83 17.99 44.63 -16.39
N ILE E 84 17.99 43.38 -15.91
CA ILE E 84 19.18 42.53 -15.93
C ILE E 84 19.21 41.60 -17.13
N ALA E 85 18.16 41.62 -17.96
CA ALA E 85 18.03 40.60 -19.01
C ALA E 85 19.23 40.59 -19.93
N LEU E 86 19.48 41.70 -20.66
CA LEU E 86 20.61 41.73 -21.58
C LEU E 86 21.91 41.33 -20.92
N GLU E 87 22.19 41.89 -19.74
CA GLU E 87 23.41 41.55 -19.01
C GLU E 87 23.46 40.07 -18.70
N LEU E 88 22.51 39.60 -17.88
CA LEU E 88 22.42 38.17 -17.58
C LEU E 88 22.56 37.30 -18.82
N LEU E 89 22.05 37.78 -19.98
CA LEU E 89 22.18 37.03 -21.21
C LEU E 89 23.64 36.86 -21.60
N MET E 90 24.35 37.98 -21.81
CA MET E 90 25.77 37.87 -22.15
C MET E 90 26.52 37.08 -21.08
N ALA E 91 26.21 37.33 -19.82
CA ALA E 91 26.87 36.61 -18.74
C ALA E 91 26.68 35.11 -18.88
N ALA E 92 25.45 34.68 -19.15
CA ALA E 92 25.18 33.26 -19.36
C ALA E 92 25.85 32.76 -20.62
N ASN E 93 25.82 33.56 -21.67
CA ASN E 93 26.48 33.20 -22.91
C ASN E 93 27.97 32.95 -22.72
N PHE E 94 28.63 33.82 -21.98
CA PHE E 94 30.06 33.66 -21.73
C PHE E 94 30.33 32.40 -20.93
N LEU E 95 29.59 32.24 -19.82
CA LEU E 95 29.81 31.13 -18.91
C LEU E 95 29.36 29.80 -19.47
N ASP E 96 28.46 29.79 -20.47
CA ASP E 96 27.85 28.59 -21.04
C ASP E 96 26.89 27.90 -20.08
N CYS E 97 26.37 28.60 -19.06
CA CYS E 97 25.51 27.91 -18.12
C CYS E 97 24.07 28.12 -18.58
N LEU F 12 9.64 9.65 -37.41
CA LEU F 12 8.70 10.18 -36.41
C LEU F 12 7.31 10.44 -36.96
N ARG F 13 6.43 9.45 -36.82
CA ARG F 13 5.06 9.63 -37.27
C ARG F 13 4.16 8.81 -36.37
N SER F 14 2.89 9.17 -36.37
CA SER F 14 1.91 8.43 -35.59
C SER F 14 1.73 7.04 -36.19
N VAL F 15 2.09 6.01 -35.41
CA VAL F 15 1.66 4.64 -35.69
C VAL F 15 0.14 4.67 -35.88
N ASN F 16 -0.33 4.32 -37.07
CA ASN F 16 -1.77 4.13 -37.23
C ASN F 16 -2.10 2.75 -36.67
N SER F 17 -2.40 2.70 -35.37
CA SER F 17 -2.71 1.44 -34.67
C SER F 17 -4.20 1.27 -34.40
N ARG F 18 -4.95 2.37 -34.37
CA ARG F 18 -6.40 2.34 -34.17
C ARG F 18 -6.79 1.61 -32.88
N GLU F 19 -5.90 1.65 -31.87
CA GLU F 19 -6.14 1.07 -30.55
C GLU F 19 -6.37 2.23 -29.58
N PRO F 20 -7.62 2.55 -29.23
CA PRO F 20 -7.88 3.88 -28.63
C PRO F 20 -7.36 3.99 -27.20
N SER F 21 -6.60 5.05 -26.95
CA SER F 21 -5.99 5.30 -25.65
C SER F 21 -6.45 6.66 -25.15
N GLN F 22 -7.05 6.67 -23.95
CA GLN F 22 -7.63 7.87 -23.36
C GLN F 22 -6.56 8.59 -22.57
N VAL F 23 -6.45 9.90 -22.82
CA VAL F 23 -5.36 10.69 -22.26
C VAL F 23 -5.93 11.96 -21.65
N ILE F 24 -5.28 12.42 -20.57
CA ILE F 24 -5.58 13.70 -19.93
C ILE F 24 -4.34 14.58 -20.07
N PHE F 25 -4.52 15.74 -20.69
CA PHE F 25 -3.43 16.71 -20.88
C PHE F 25 -3.37 17.58 -19.64
N ASN F 27 -1.71 20.69 -17.98
CA ASN F 27 -0.83 21.85 -18.07
C ASN F 27 -0.30 22.31 -16.70
N ARG F 28 0.81 21.72 -16.24
CA ARG F 28 1.51 22.15 -15.02
C ARG F 28 2.66 23.12 -15.33
N SER F 29 2.34 24.21 -16.02
CA SER F 29 3.30 25.23 -16.42
C SER F 29 2.57 26.55 -16.52
N PRO F 30 3.26 27.66 -16.31
CA PRO F 30 2.62 28.97 -16.46
C PRO F 30 2.36 29.40 -17.90
N ARG F 31 2.49 28.51 -18.88
CA ARG F 31 2.33 28.90 -20.26
C ARG F 31 1.05 28.29 -20.83
N VAL F 32 0.39 29.07 -21.71
CA VAL F 32 -0.57 28.55 -22.67
C VAL F 32 0.07 27.42 -23.46
N VAL F 33 -0.37 26.19 -23.25
CA VAL F 33 0.25 25.03 -23.88
C VAL F 33 -0.46 24.72 -25.21
N LEU F 34 0.29 24.70 -26.30
CA LEU F 34 -0.24 24.21 -27.54
C LEU F 34 0.19 22.76 -27.71
N PRO F 35 -0.73 21.81 -27.71
CA PRO F 35 -0.36 20.42 -27.99
C PRO F 35 -0.26 20.23 -29.49
N VAL F 36 0.58 19.27 -29.88
CA VAL F 36 0.99 19.07 -31.26
C VAL F 36 1.04 17.58 -31.51
N TRP F 37 0.15 17.08 -32.37
CA TRP F 37 0.11 15.68 -32.76
C TRP F 37 0.86 15.50 -34.08
N LEU F 38 1.73 14.50 -34.14
CA LEU F 38 2.47 14.19 -35.37
C LEU F 38 1.65 13.19 -36.17
N ASN F 39 1.11 13.60 -37.31
CA ASN F 39 0.13 12.72 -37.96
C ASN F 39 0.83 11.58 -38.72
N PHE F 40 0.04 10.78 -39.46
CA PHE F 40 0.56 9.57 -40.08
C PHE F 40 1.51 9.85 -41.22
N ASP F 41 1.45 11.07 -41.77
CA ASP F 41 2.44 11.50 -42.74
C ASP F 41 3.68 12.13 -42.07
N GLY F 42 3.59 12.46 -40.78
CA GLY F 42 4.70 13.04 -40.06
C GLY F 42 4.60 14.53 -39.81
N GLU F 43 3.64 15.23 -40.43
CA GLU F 43 3.48 16.67 -40.22
C GLU F 43 2.87 16.95 -38.84
N PRO F 44 3.36 17.96 -38.13
CA PRO F 44 2.72 18.33 -36.87
C PRO F 44 1.34 18.89 -37.14
N GLN F 45 0.41 18.53 -36.27
CA GLN F 45 -0.93 19.04 -36.30
C GLN F 45 -1.26 19.76 -35.00
N PRO F 46 -1.70 21.01 -35.05
CA PRO F 46 -2.06 21.72 -33.81
C PRO F 46 -3.45 21.35 -33.27
N TYR F 47 -3.50 21.13 -31.96
CA TYR F 47 -4.73 20.98 -31.21
C TYR F 47 -4.95 22.19 -30.32
N PRO F 48 -6.20 22.48 -29.92
CA PRO F 48 -6.48 23.77 -29.28
C PRO F 48 -5.81 23.87 -27.92
N THR F 49 -5.50 25.13 -27.55
CA THR F 49 -4.55 25.42 -26.49
C THR F 49 -5.12 25.21 -25.09
N LEU F 50 -4.25 24.79 -24.17
CA LEU F 50 -4.58 24.57 -22.78
C LEU F 50 -4.11 25.77 -21.95
N PRO F 51 -5.00 26.53 -21.29
CA PRO F 51 -4.53 27.60 -20.39
C PRO F 51 -3.65 27.01 -19.29
N PRO F 52 -2.85 27.83 -18.61
CA PRO F 52 -2.05 27.33 -17.48
C PRO F 52 -2.96 26.84 -16.36
N GLY F 53 -2.64 25.68 -15.79
CA GLY F 53 -3.34 25.14 -14.64
C GLY F 53 -4.55 24.30 -14.95
N THR F 54 -4.98 24.25 -16.21
CA THR F 54 -6.18 23.58 -16.64
C THR F 54 -5.87 22.16 -17.10
N GLY F 55 -6.91 21.47 -17.56
CA GLY F 55 -6.76 20.14 -18.12
C GLY F 55 -7.69 19.94 -19.32
N ARG F 56 -7.61 18.75 -19.88
CA ARG F 56 -8.42 18.30 -21.00
C ARG F 56 -8.23 16.82 -21.22
N ARG F 57 -9.33 16.10 -21.33
CA ARG F 57 -9.28 14.71 -21.76
C ARG F 57 -9.38 14.71 -23.27
N ILE F 58 -8.60 13.83 -23.91
CA ILE F 58 -8.59 13.75 -25.36
C ILE F 58 -8.41 12.29 -25.77
N HIS F 59 -8.84 11.98 -27.00
CA HIS F 59 -9.00 10.62 -27.52
C HIS F 59 -7.89 10.32 -28.49
N SER F 60 -6.86 9.65 -28.03
CA SER F 60 -5.82 9.26 -28.94
C SER F 60 -5.85 7.76 -29.12
N TYR F 61 -4.78 7.25 -29.72
CA TYR F 61 -4.63 5.84 -30.02
C TYR F 61 -3.19 5.45 -29.67
N ARG F 62 -3.00 4.18 -29.38
CA ARG F 62 -1.70 3.74 -28.94
C ARG F 62 -0.70 3.93 -30.09
N GLY F 63 0.53 4.30 -29.74
CA GLY F 63 1.57 4.51 -30.72
C GLY F 63 1.65 5.89 -31.32
N HIS F 64 0.65 6.75 -31.08
CA HIS F 64 0.67 8.09 -31.64
C HIS F 64 1.73 8.96 -30.97
N LEU F 65 2.14 10.01 -31.67
CA LEU F 65 3.19 10.90 -31.21
C LEU F 65 2.64 12.28 -30.94
N TRP F 66 2.88 12.78 -29.72
CA TRP F 66 2.54 14.15 -29.33
C TRP F 66 3.74 14.89 -28.75
N LEU F 67 3.74 16.20 -28.98
CA LEU F 67 4.65 17.15 -28.33
C LEU F 67 3.93 18.44 -28.03
N PHE F 68 4.56 19.28 -27.21
CA PHE F 68 3.87 20.42 -26.65
C PHE F 68 4.79 21.62 -26.63
N ARG F 69 4.23 22.79 -26.92
CA ARG F 69 4.99 24.02 -26.94
C ARG F 69 4.24 25.09 -26.18
N ASP F 70 4.98 26.11 -25.75
CA ASP F 70 4.38 27.40 -25.50
C ASP F 70 3.60 27.82 -26.74
N ALA F 71 2.32 28.16 -26.57
CA ALA F 71 1.49 28.47 -27.72
C ALA F 71 1.84 29.79 -28.39
N GLY F 72 2.68 30.63 -27.77
CA GLY F 72 2.90 31.98 -28.27
C GLY F 72 4.31 32.20 -28.76
N THR F 73 5.23 31.35 -28.32
CA THR F 73 6.63 31.48 -28.68
C THR F 73 7.21 30.18 -29.17
N HIS F 74 6.53 29.06 -28.93
CA HIS F 74 6.95 27.75 -29.36
C HIS F 74 8.13 27.26 -28.57
N ASP F 75 8.40 27.90 -27.43
CA ASP F 75 9.37 27.35 -26.48
C ASP F 75 9.00 25.90 -26.18
N GLY F 76 10.03 25.06 -26.04
CA GLY F 76 9.78 23.65 -25.90
C GLY F 76 9.33 23.35 -24.50
N LEU F 77 8.41 22.40 -24.38
CA LEU F 77 7.98 21.97 -23.06
C LEU F 77 8.28 20.50 -22.91
N LEU F 78 8.29 20.07 -21.67
CA LEU F 78 8.35 18.64 -21.38
C LEU F 78 6.94 18.06 -21.27
N VAL F 79 6.84 16.75 -21.45
CA VAL F 79 5.65 16.00 -21.11
C VAL F 79 6.15 14.69 -20.51
N ASN F 80 5.88 14.49 -19.22
CA ASN F 80 6.42 13.37 -18.45
C ASN F 80 7.95 13.36 -18.54
N GLN F 81 8.54 14.53 -18.30
CA GLN F 81 9.98 14.69 -18.29
C GLN F 81 10.62 14.47 -19.66
N THR F 82 9.88 14.50 -20.77
CA THR F 82 10.45 14.20 -22.10
C THR F 82 9.78 15.04 -23.17
N GLU F 83 10.29 14.94 -24.41
CA GLU F 83 9.70 15.75 -25.48
C GLU F 83 8.54 15.04 -26.11
N LEU F 84 8.59 13.73 -26.14
CA LEU F 84 7.59 12.95 -26.83
C LEU F 84 6.66 12.34 -25.81
N PHE F 85 5.37 12.47 -26.08
CA PHE F 85 4.37 11.71 -25.36
C PHE F 85 3.74 10.75 -26.35
N VAL F 86 3.72 9.47 -25.99
CA VAL F 86 3.12 8.45 -26.84
C VAL F 86 2.10 7.69 -26.00
N PRO F 87 0.80 7.92 -26.19
CA PRO F 87 -0.20 7.21 -25.40
C PRO F 87 0.10 5.73 -25.39
N SER F 88 -0.22 5.09 -24.27
CA SER F 88 0.15 3.71 -24.00
C SER F 88 -1.07 2.95 -23.52
N LEU F 89 -0.88 1.71 -23.03
CA LEU F 89 -2.02 0.89 -22.63
C LEU F 89 -2.79 1.58 -21.51
N ASN F 90 -4.12 1.49 -21.56
CA ASN F 90 -5.02 1.90 -20.47
C ASN F 90 -5.33 0.69 -19.57
N VAL F 91 -4.59 0.57 -18.47
CA VAL F 91 -4.75 -0.55 -17.55
C VAL F 91 -5.85 -0.23 -16.55
N ASP F 92 -6.92 -1.02 -16.59
CA ASP F 92 -8.10 -0.79 -15.75
C ASP F 92 -8.74 0.56 -16.07
N GLY F 93 -8.99 0.79 -17.36
CA GLY F 93 -9.86 1.88 -17.81
C GLY F 93 -9.47 3.23 -17.25
N GLN F 94 -8.16 3.42 -17.03
CA GLN F 94 -7.62 4.61 -16.40
C GLN F 94 -6.96 5.50 -17.45
N PRO F 95 -7.42 6.74 -17.65
CA PRO F 95 -6.88 7.55 -18.75
C PRO F 95 -5.44 8.00 -18.45
N ILE F 96 -4.53 7.76 -19.42
CA ILE F 96 -3.11 8.07 -19.26
C ILE F 96 -2.89 9.57 -19.01
N PHE F 97 -1.86 9.88 -18.24
CA PHE F 97 -1.62 11.27 -17.86
C PHE F 97 -0.42 11.84 -18.62
N ALA F 98 -0.66 12.91 -19.39
CA ALA F 98 0.39 13.66 -20.07
C ALA F 98 0.69 14.91 -19.25
N ASN F 99 1.86 14.92 -18.59
CA ASN F 99 2.22 15.91 -17.59
C ASN F 99 3.15 16.94 -18.20
N ILE F 100 2.57 18.08 -18.54
CA ILE F 100 3.27 19.12 -19.29
C ILE F 100 3.86 20.08 -18.27
N THR F 101 5.20 20.11 -18.18
CA THR F 101 5.93 20.89 -17.18
C THR F 101 6.98 21.74 -17.85
N LEU F 102 7.32 22.88 -17.23
CA LEU F 102 8.43 23.65 -17.76
C LEU F 102 9.70 22.82 -17.62
N PRO F 103 10.59 22.85 -18.62
CA PRO F 103 11.93 22.29 -18.46
C PRO F 103 12.81 23.27 -17.70
N VAL F 104 13.97 22.77 -17.24
CA VAL F 104 15.01 23.67 -16.73
C VAL F 104 15.81 24.13 -17.93
N TYR F 105 15.27 25.13 -18.62
CA TYR F 105 16.03 25.86 -19.61
C TYR F 105 17.43 26.20 -19.10
N THR F 106 18.40 26.18 -20.02
CA THR F 106 19.70 26.77 -19.72
C THR F 106 19.51 28.25 -19.42
N LEU F 107 20.36 28.77 -18.54
CA LEU F 107 20.26 30.19 -18.20
C LEU F 107 20.28 31.05 -19.46
N LYS F 108 21.12 30.70 -20.42
CA LYS F 108 21.14 31.41 -21.70
C LYS F 108 19.77 31.40 -22.36
N GLU F 109 19.19 30.21 -22.54
CA GLU F 109 17.95 30.12 -23.31
C GLU F 109 16.85 30.89 -22.59
N ARG F 110 16.73 30.71 -21.27
CA ARG F 110 15.76 31.49 -20.52
C ARG F 110 15.98 32.98 -20.72
N CYS F 111 17.22 33.40 -21.00
CA CYS F 111 17.47 34.83 -21.22
C CYS F 111 17.08 35.27 -22.61
N LEU F 112 17.36 34.43 -23.62
CA LEU F 112 16.82 34.69 -24.94
C LEU F 112 15.31 34.82 -24.88
N GLN F 113 14.66 33.93 -24.10
CA GLN F 113 13.20 33.94 -23.97
C GLN F 113 12.69 35.28 -23.48
N VAL F 114 13.23 35.74 -22.35
CA VAL F 114 12.83 37.04 -21.81
C VAL F 114 13.09 38.14 -22.83
N VAL F 115 14.27 38.14 -23.46
CA VAL F 115 14.59 39.25 -24.36
C VAL F 115 13.68 39.21 -25.57
N ARG F 116 13.53 38.03 -26.16
CA ARG F 116 12.69 37.90 -27.35
C ARG F 116 11.32 38.50 -27.10
N SER F 117 10.78 38.27 -25.91
CA SER F 117 9.45 38.76 -25.55
C SER F 117 9.44 40.20 -25.09
N LEU F 118 10.50 40.98 -25.33
CA LEU F 118 10.47 42.41 -25.03
C LEU F 118 10.94 43.28 -26.20
N VAL F 119 11.27 42.68 -27.34
CA VAL F 119 11.90 43.39 -28.44
C VAL F 119 11.38 42.74 -29.72
N LYS F 120 10.62 43.51 -30.50
CA LYS F 120 10.19 43.06 -31.81
C LYS F 120 11.39 42.47 -32.56
N PRO F 121 11.21 41.39 -33.30
CA PRO F 121 12.37 40.71 -33.92
C PRO F 121 13.15 41.58 -34.88
N GLU F 122 12.71 42.82 -35.03
CA GLU F 122 13.25 43.79 -35.95
C GLU F 122 14.25 44.72 -35.30
N ASN F 123 14.07 45.01 -34.01
CA ASN F 123 14.98 45.79 -33.20
C ASN F 123 16.02 44.93 -32.47
N TYR F 124 16.19 43.66 -32.85
CA TYR F 124 17.20 42.83 -32.19
C TYR F 124 18.58 43.45 -32.34
N ARG F 125 18.96 43.78 -33.58
CA ARG F 125 20.20 44.45 -33.86
C ARG F 125 20.25 45.87 -33.30
N ARG F 126 19.16 46.39 -32.71
CA ARG F 126 19.22 47.62 -31.93
C ARG F 126 19.94 47.40 -30.60
N LEU F 127 20.04 46.15 -30.16
CA LEU F 127 20.59 45.89 -28.84
C LEU F 127 22.11 45.85 -28.89
N ASP F 128 22.72 46.24 -27.76
CA ASP F 128 24.18 46.27 -27.62
C ASP F 128 24.68 44.97 -27.00
N ILE F 129 24.88 43.97 -27.87
CA ILE F 129 25.39 42.67 -27.49
C ILE F 129 26.25 42.18 -28.65
N VAL F 130 27.02 41.11 -28.41
CA VAL F 130 27.94 40.59 -29.42
C VAL F 130 27.15 40.11 -30.64
N ARG F 131 27.82 40.15 -31.80
CA ARG F 131 27.21 39.66 -33.01
C ARG F 131 26.73 38.21 -32.84
N SER F 132 27.35 37.44 -31.94
CA SER F 132 26.93 36.06 -31.74
C SER F 132 25.52 35.99 -31.16
N LEU F 133 25.19 36.92 -30.27
CA LEU F 133 23.91 36.92 -29.58
C LEU F 133 22.78 37.42 -30.44
N TYR F 134 23.07 38.01 -31.59
CA TYR F 134 21.99 38.35 -32.52
C TYR F 134 21.42 37.10 -33.14
N GLU F 135 22.26 36.27 -33.74
CA GLU F 135 21.73 35.15 -34.49
C GLU F 135 21.04 34.14 -33.59
N ASP F 136 21.25 34.25 -32.26
CA ASP F 136 20.62 33.38 -31.29
C ASP F 136 19.23 33.88 -30.95
N LEU F 137 19.10 35.21 -30.83
CA LEU F 137 17.78 35.82 -30.65
C LEU F 137 16.89 35.55 -31.85
N GLU F 138 17.47 35.38 -33.03
CA GLU F 138 16.71 35.23 -34.26
C GLU F 138 16.45 33.76 -34.59
N ASP F 139 17.22 32.85 -34.01
CA ASP F 139 16.95 31.40 -34.13
C ASP F 139 15.78 31.08 -33.19
N HIS F 140 14.61 31.50 -33.60
CA HIS F 140 13.44 31.33 -32.76
C HIS F 140 13.12 29.85 -32.61
N PRO F 141 12.46 29.47 -31.53
CA PRO F 141 12.12 28.06 -31.33
C PRO F 141 11.14 27.59 -32.40
N ASN F 142 11.51 26.53 -33.11
CA ASN F 142 10.67 26.02 -34.20
C ASN F 142 10.47 24.52 -34.04
N VAL F 143 9.22 24.08 -34.24
CA VAL F 143 8.93 22.66 -34.15
C VAL F 143 9.71 21.90 -35.21
N GLN F 144 9.70 22.42 -36.44
CA GLN F 144 10.35 21.72 -37.54
C GLN F 144 11.79 21.37 -37.18
N LYS F 145 12.53 22.34 -36.64
CA LYS F 145 13.92 22.13 -36.27
C LYS F 145 14.06 20.89 -35.40
N ASP F 146 13.39 20.93 -34.24
CA ASP F 146 13.50 19.88 -33.23
C ASP F 146 13.33 18.50 -33.83
N LEU F 147 12.55 18.42 -34.89
CA LEU F 147 12.23 17.16 -35.53
C LEU F 147 13.33 16.68 -36.53
N MET G 1 -32.21 5.73 8.32
CA MET G 1 -32.62 7.09 7.99
C MET G 1 -31.38 7.94 7.78
N ASP G 2 -30.69 7.70 6.70
CA ASP G 2 -29.50 8.46 6.43
C ASP G 2 -29.89 9.88 6.01
N VAL G 3 -29.29 10.86 6.65
CA VAL G 3 -29.36 12.22 6.17
C VAL G 3 -28.02 12.56 5.53
N PHE G 4 -28.03 13.62 4.70
CA PHE G 4 -26.89 13.97 3.86
C PHE G 4 -26.61 15.46 4.02
N LEU G 5 -25.46 15.78 4.57
CA LEU G 5 -25.23 17.08 5.16
C LEU G 5 -24.10 17.81 4.48
N MET G 6 -24.16 19.14 4.53
CA MET G 6 -23.08 20.03 4.15
C MET G 6 -22.64 20.80 5.40
N ILE G 7 -21.56 20.37 6.01
CA ILE G 7 -20.84 21.18 6.99
C ILE G 7 -20.03 22.25 6.27
N ARG G 8 -20.23 23.52 6.65
CA ARG G 8 -19.68 24.66 5.90
C ARG G 8 -19.11 25.68 6.87
N ARG G 9 -17.81 25.99 6.72
CA ARG G 9 -17.15 27.03 7.49
C ARG G 9 -16.33 27.89 6.55
N HIS G 10 -16.66 29.17 6.48
CA HIS G 10 -15.92 30.16 5.68
C HIS G 10 -15.95 29.85 4.18
N LYS G 11 -14.82 29.46 3.58
CA LYS G 11 -14.86 28.88 2.23
C LYS G 11 -14.64 27.38 2.27
N THR G 12 -14.78 26.75 3.43
CA THR G 12 -14.66 25.31 3.53
C THR G 12 -16.05 24.70 3.49
N THR G 13 -16.16 23.52 2.89
CA THR G 13 -17.46 22.83 2.79
C THR G 13 -17.19 21.33 2.76
N ILE G 14 -17.65 20.63 3.80
CA ILE G 14 -17.51 19.18 3.91
C ILE G 14 -18.79 18.55 3.42
N PHE G 15 -18.66 17.52 2.59
CA PHE G 15 -19.79 16.69 2.23
C PHE G 15 -19.70 15.41 3.02
N THR G 16 -20.72 15.15 3.83
CA THR G 16 -20.85 13.85 4.47
C THR G 16 -22.31 13.56 4.74
N ASP G 17 -22.51 12.41 5.35
CA ASP G 17 -23.82 11.87 5.63
C ASP G 17 -23.76 11.30 7.02
N ALA G 18 -24.94 10.98 7.56
CA ALA G 18 -25.10 10.41 8.88
C ALA G 18 -26.50 9.83 8.97
N LYS G 19 -26.80 9.21 10.11
CA LYS G 19 -28.14 8.74 10.42
C LYS G 19 -28.91 9.84 11.16
N GLU G 20 -30.24 9.76 11.09
CA GLU G 20 -31.06 10.75 11.78
C GLU G 20 -30.80 10.75 13.28
N SER G 21 -30.38 9.61 13.83
CA SER G 21 -30.31 9.42 15.27
C SER G 21 -28.92 9.63 15.82
N SER G 22 -27.93 9.88 14.97
CA SER G 22 -26.59 10.16 15.45
C SER G 22 -26.58 11.51 16.16
N THR G 23 -25.73 11.62 17.18
CA THR G 23 -25.82 12.85 17.95
C THR G 23 -24.92 13.94 17.38
N VAL G 24 -25.24 15.20 17.72
CA VAL G 24 -24.48 16.35 17.25
C VAL G 24 -23.00 16.20 17.61
N PHE G 25 -22.68 15.46 18.69
CA PHE G 25 -21.28 15.24 19.05
C PHE G 25 -20.60 14.31 18.07
N GLU G 26 -21.23 13.17 17.74
CA GLU G 26 -20.65 12.29 16.73
C GLU G 26 -20.38 13.04 15.44
N LEU G 27 -21.22 14.01 15.11
CA LEU G 27 -20.94 14.84 13.95
C LEU G 27 -19.69 15.67 14.16
N LYS G 28 -19.49 16.22 15.38
CA LYS G 28 -18.26 16.95 15.71
C LYS G 28 -17.03 16.03 15.68
N ARG G 29 -17.20 14.76 16.06
CA ARG G 29 -16.16 13.76 15.82
C ARG G 29 -15.80 13.66 14.34
N ILE G 30 -16.80 13.71 13.45
CA ILE G 30 -16.54 13.54 12.03
C ILE G 30 -15.79 14.75 11.49
N VAL G 31 -16.16 15.94 11.95
CA VAL G 31 -15.37 17.13 11.66
C VAL G 31 -13.95 16.93 12.14
N GLU G 32 -13.80 16.33 13.33
CA GLU G 32 -12.46 16.15 13.89
C GLU G 32 -11.60 15.24 13.04
N GLY G 33 -12.15 14.13 12.56
CA GLY G 33 -11.47 13.37 11.53
C GLY G 33 -10.94 14.24 10.40
N ILE G 34 -11.81 15.09 9.87
CA ILE G 34 -11.49 15.80 8.63
C ILE G 34 -10.62 17.02 8.91
N LEU G 35 -11.18 18.02 9.60
CA LEU G 35 -10.48 19.30 9.74
C LEU G 35 -9.48 19.31 10.89
N LYS G 36 -9.28 18.19 11.57
CA LYS G 36 -8.32 18.08 12.66
C LYS G 36 -8.60 19.16 13.70
N ARG G 37 -9.70 18.98 14.41
CA ARG G 37 -10.01 19.86 15.53
C ARG G 37 -10.90 19.07 16.48
N PRO G 38 -10.71 19.21 17.80
CA PRO G 38 -11.49 18.41 18.75
C PRO G 38 -12.91 18.97 18.89
N PRO G 39 -13.91 18.10 19.12
CA PRO G 39 -15.30 18.56 19.28
C PRO G 39 -15.51 19.86 20.04
N ASP G 40 -14.74 20.07 21.11
CA ASP G 40 -14.97 21.15 22.07
C ASP G 40 -14.54 22.53 21.56
N GLU G 41 -13.60 22.57 20.60
CA GLU G 41 -13.27 23.80 19.88
C GLU G 41 -14.24 24.13 18.76
N GLN G 42 -15.16 23.22 18.43
CA GLN G 42 -16.11 23.31 17.33
C GLN G 42 -17.44 23.86 17.81
N ARG G 43 -18.11 24.59 16.92
CA ARG G 43 -19.46 25.10 17.18
C ARG G 43 -20.37 24.83 15.99
N LEU G 44 -21.25 23.83 16.10
CA LEU G 44 -22.16 23.45 15.02
C LEU G 44 -23.50 24.21 15.09
N TYR G 45 -23.96 24.71 13.94
CA TYR G 45 -25.16 25.54 13.86
C TYR G 45 -26.15 24.95 12.83
N LYS G 46 -27.44 24.95 13.16
CA LYS G 46 -28.50 24.76 12.16
C LYS G 46 -29.14 26.11 11.94
N ASP G 47 -28.77 26.78 10.84
CA ASP G 47 -29.04 28.20 10.71
C ASP G 47 -28.32 28.83 11.89
N ASP G 48 -28.98 29.69 12.68
CA ASP G 48 -28.36 30.37 13.80
C ASP G 48 -28.40 29.55 15.09
N GLN G 49 -29.34 28.61 15.22
CA GLN G 49 -29.46 27.85 16.45
C GLN G 49 -28.19 27.04 16.68
N LEU G 50 -27.65 27.13 17.88
CA LEU G 50 -26.51 26.31 18.24
C LEU G 50 -27.01 24.93 18.62
N LEU G 51 -26.24 23.90 18.26
CA LEU G 51 -26.69 22.53 18.37
C LEU G 51 -26.10 21.89 19.62
N ASP G 52 -26.96 21.48 20.57
CA ASP G 52 -26.51 20.75 21.75
C ASP G 52 -25.88 19.41 21.35
N ASP G 53 -24.79 19.04 22.03
CA ASP G 53 -24.05 17.81 21.73
C ASP G 53 -24.89 16.55 21.87
N GLY G 54 -25.88 16.53 22.76
CA GLY G 54 -26.63 15.32 23.05
C GLY G 54 -27.93 15.19 22.29
N LYS G 55 -28.16 16.03 21.29
CA LYS G 55 -29.38 16.01 20.49
C LYS G 55 -29.13 15.27 19.17
N THR G 56 -30.14 14.52 18.72
CA THR G 56 -30.08 13.77 17.46
C THR G 56 -30.54 14.66 16.31
N LEU G 57 -29.75 14.65 15.23
CA LEU G 57 -30.04 15.37 13.99
C LEU G 57 -31.52 15.30 13.62
N GLY G 58 -32.17 14.18 13.94
CA GLY G 58 -33.60 14.08 13.75
C GLY G 58 -34.36 15.12 14.55
N GLU G 59 -34.00 15.25 15.84
CA GLU G 59 -34.64 16.20 16.75
C GLU G 59 -34.40 17.61 16.30
N GLY G 61 -34.20 18.42 13.23
CA GLY G 61 -34.92 18.70 11.99
C GLY G 61 -34.07 18.45 10.79
N PHE G 62 -33.11 17.55 10.93
CA PHE G 62 -32.31 17.04 9.82
C PHE G 62 -32.91 15.69 9.50
N THR G 63 -33.73 15.65 8.45
CA THR G 63 -34.61 14.55 8.13
C THR G 63 -34.23 13.99 6.76
N SER G 64 -34.58 12.72 6.56
CA SER G 64 -34.27 12.09 5.29
C SER G 64 -34.92 12.86 4.15
N GLN G 65 -36.11 13.39 4.37
CA GLN G 65 -36.78 14.13 3.31
C GLN G 65 -36.30 15.57 3.19
N THR G 66 -35.46 16.05 4.10
CA THR G 66 -34.88 17.37 3.91
C THR G 66 -33.38 17.34 3.70
N ALA G 67 -32.67 16.39 4.29
CA ALA G 67 -31.23 16.29 4.10
C ALA G 67 -30.95 15.08 3.20
N ARG G 68 -31.13 15.30 1.89
CA ARG G 68 -31.16 14.42 0.72
C ARG G 68 -29.84 14.49 -0.04
N PRO G 69 -29.38 13.36 -0.62
CA PRO G 69 -28.08 13.39 -1.31
C PRO G 69 -27.98 14.39 -2.47
N GLN G 70 -29.06 14.58 -3.22
CA GLN G 70 -29.07 15.59 -4.27
C GLN G 70 -29.29 17.01 -3.75
N ALA G 71 -29.80 17.14 -2.53
CA ALA G 71 -30.07 18.45 -1.92
C ALA G 71 -29.69 18.36 -0.46
N PRO G 72 -28.41 18.36 -0.14
CA PRO G 72 -27.99 18.12 1.23
C PRO G 72 -28.27 19.31 2.12
N ALA G 73 -28.33 19.05 3.42
CA ALA G 73 -28.67 20.07 4.42
C ALA G 73 -27.39 20.72 4.95
N THR G 74 -27.40 22.06 5.04
CA THR G 74 -26.23 22.82 5.48
C THR G 74 -26.19 22.91 7.00
N VAL G 75 -25.04 22.57 7.59
CA VAL G 75 -24.77 22.74 9.00
C VAL G 75 -23.57 23.67 9.16
N GLY G 76 -23.66 24.60 10.14
CA GLY G 76 -22.63 25.58 10.35
C GLY G 76 -21.48 25.07 11.22
N LEU G 77 -20.38 25.81 11.17
CA LEU G 77 -19.17 25.41 11.86
C LEU G 77 -18.38 26.66 12.18
N ALA G 78 -18.28 26.98 13.46
CA ALA G 78 -17.29 27.92 13.97
C ALA G 78 -16.25 27.15 14.77
N PHE G 79 -15.01 27.58 14.64
CA PHE G 79 -13.93 27.05 15.45
C PHE G 79 -13.71 27.97 16.64
N ARG G 80 -13.08 27.43 17.68
CA ARG G 80 -12.54 28.26 18.74
C ARG G 80 -11.15 28.74 18.33
N ALA G 81 -10.95 30.07 18.39
CA ALA G 81 -9.70 30.72 17.97
C ALA G 81 -8.96 31.18 19.21
N ASP G 82 -7.99 30.37 19.66
CA ASP G 82 -7.31 30.58 20.92
C ASP G 82 -8.36 30.84 22.00
N ASP G 83 -8.55 32.09 22.40
CA ASP G 83 -9.44 32.33 23.53
C ASP G 83 -10.90 32.07 23.18
N THR G 84 -11.51 32.93 22.35
CA THR G 84 -12.94 32.86 22.08
C THR G 84 -13.24 32.25 20.72
N PHE G 85 -14.40 31.59 20.65
CA PHE G 85 -14.93 31.01 19.41
C PHE G 85 -15.08 32.11 18.36
N GLU G 86 -14.85 31.76 17.10
CA GLU G 86 -15.03 32.73 16.03
C GLU G 86 -16.50 32.98 15.71
N ALA G 87 -16.71 34.09 15.03
CA ALA G 87 -18.02 34.36 14.44
C ALA G 87 -18.30 33.32 13.37
N LEU G 88 -19.52 32.79 13.39
CA LEU G 88 -19.95 31.85 12.36
C LEU G 88 -20.05 32.57 11.00
N ILE G 90 -20.15 31.92 6.60
CA ILE G 90 -20.23 31.05 5.45
C ILE G 90 -20.07 31.88 4.16
N GLU G 91 -19.09 31.50 3.33
CA GLU G 91 -18.99 32.29 2.10
C GLU G 91 -19.91 31.70 1.05
N PRO G 92 -20.78 32.51 0.48
CA PRO G 92 -21.62 32.01 -0.60
C PRO G 92 -20.77 31.59 -1.79
N PHE G 93 -21.23 30.55 -2.50
CA PHE G 93 -20.59 30.17 -3.74
C PHE G 93 -20.77 31.27 -4.78
N SER G 94 -20.12 31.08 -5.92
CA SER G 94 -20.18 32.09 -6.96
C SER G 94 -21.60 32.22 -7.52
N SER G 95 -21.90 33.39 -8.07
CA SER G 95 -23.19 33.61 -8.71
C SER G 95 -23.13 33.08 -10.15
N PRO G 96 -24.19 32.42 -10.62
CA PRO G 96 -24.18 31.99 -12.00
C PRO G 96 -24.36 33.21 -12.89
N PRO G 97 -23.77 33.21 -14.09
CA PRO G 97 -24.04 34.28 -15.06
C PRO G 97 -25.52 34.52 -15.33
N GLU G 98 -25.83 35.63 -15.98
CA GLU G 98 -27.20 35.82 -16.46
C GLU G 98 -27.59 34.69 -17.41
N LEU G 99 -28.88 34.37 -17.42
CA LEU G 99 -29.39 33.34 -18.33
C LEU G 99 -29.23 33.79 -19.77
N PRO G 100 -28.58 33.02 -20.63
CA PRO G 100 -28.48 33.44 -22.03
C PRO G 100 -29.87 33.74 -22.59
N ASP G 101 -29.89 34.64 -23.58
CA ASP G 101 -31.14 35.01 -24.24
C ASP G 101 -31.92 33.79 -24.67
N VAL G 102 -31.22 32.71 -25.00
CA VAL G 102 -31.83 31.55 -25.62
C VAL G 102 -32.38 30.55 -24.60
N MET G 103 -32.54 30.96 -23.35
CA MET G 103 -33.14 30.07 -22.35
C MET G 103 -34.29 30.79 -21.63
N MET H 2 -9.39 8.59 2.86
CA MET H 2 -10.75 8.61 3.38
C MET H 2 -11.52 9.83 2.88
N TYR H 3 -10.81 10.92 2.59
CA TYR H 3 -11.42 12.13 2.06
C TYR H 3 -10.43 12.80 1.11
N VAL H 4 -10.96 13.67 0.24
CA VAL H 4 -10.15 14.44 -0.71
C VAL H 4 -10.66 15.88 -0.71
N LYS H 5 -9.89 16.75 -1.36
CA LYS H 5 -10.19 18.17 -1.42
C LYS H 5 -10.23 18.62 -2.87
N LEU H 6 -11.33 19.21 -3.26
CA LEU H 6 -11.50 19.74 -4.59
C LEU H 6 -11.67 21.22 -4.39
N ILE H 7 -10.94 22.02 -5.15
CA ILE H 7 -10.99 23.45 -4.97
C ILE H 7 -11.59 24.03 -6.22
N SER H 8 -12.43 25.05 -6.07
CA SER H 8 -13.00 25.67 -7.24
C SER H 8 -12.17 26.85 -7.70
N SER H 9 -12.55 27.38 -8.85
CA SER H 9 -11.80 28.46 -9.47
C SER H 9 -11.89 29.74 -8.65
N ASP H 10 -12.99 29.96 -7.94
CA ASP H 10 -13.04 31.00 -6.93
C ASP H 10 -12.60 30.47 -5.56
N GLY H 11 -11.93 29.32 -5.53
CA GLY H 11 -11.23 28.89 -4.33
C GLY H 11 -12.09 28.37 -3.19
N HIS H 12 -13.24 27.79 -3.49
CA HIS H 12 -13.98 27.08 -2.45
C HIS H 12 -13.41 25.68 -2.30
N GLU H 13 -13.26 25.24 -1.06
CA GLU H 13 -12.68 23.94 -0.74
C GLU H 13 -13.80 22.96 -0.41
N PHE H 14 -14.11 22.06 -1.34
CA PHE H 14 -15.13 21.05 -1.16
C PHE H 14 -14.48 19.74 -0.78
N ILE H 15 -14.94 19.12 0.30
CA ILE H 15 -14.28 17.96 0.90
C ILE H 15 -15.27 16.80 0.95
N VAL H 16 -15.16 15.86 0.00
CA VAL H 16 -16.10 14.78 -0.23
C VAL H 16 -15.39 13.43 -0.05
N LYS H 17 -16.13 12.40 0.37
CA LYS H 17 -15.52 11.11 0.70
C LYS H 17 -14.80 10.50 -0.51
N ARG H 18 -13.70 9.79 -0.24
CA ARG H 18 -12.80 9.31 -1.30
C ARG H 18 -13.56 8.51 -2.35
N GLU H 19 -14.14 7.38 -1.95
CA GLU H 19 -14.82 6.57 -2.94
C GLU H 19 -15.90 7.34 -3.68
N HIS H 20 -16.35 8.48 -3.14
CA HIS H 20 -17.43 9.22 -3.78
C HIS H 20 -16.94 10.11 -4.92
N ALA H 21 -15.67 10.48 -4.91
CA ALA H 21 -15.15 11.27 -6.00
C ALA H 21 -14.59 10.36 -7.08
N LEU H 22 -14.18 9.15 -6.71
CA LEU H 22 -13.69 8.17 -7.67
C LEU H 22 -14.74 7.84 -8.73
N THR H 23 -16.02 8.08 -8.42
CA THR H 23 -17.07 8.24 -9.41
C THR H 23 -16.64 9.05 -10.62
N SER H 24 -15.88 10.12 -10.42
CA SER H 24 -15.30 10.81 -11.57
C SER H 24 -14.06 10.03 -12.03
N GLY H 25 -14.05 9.62 -13.29
CA GLY H 25 -12.93 8.82 -13.78
C GLY H 25 -11.67 9.63 -13.85
N THR H 26 -11.79 10.86 -14.37
CA THR H 26 -10.75 11.88 -14.24
C THR H 26 -10.15 11.92 -12.83
N ILE H 27 -10.96 12.29 -11.84
CA ILE H 27 -10.51 12.36 -10.45
C ILE H 27 -9.92 11.04 -9.98
N LYS H 28 -10.38 9.92 -10.54
CA LYS H 28 -9.79 8.63 -10.17
C LYS H 28 -8.35 8.53 -10.65
N ALA H 29 -8.07 8.99 -11.88
CA ALA H 29 -6.70 9.19 -12.32
C ALA H 29 -5.97 10.03 -11.28
N MET H 30 -6.32 11.31 -11.21
CA MET H 30 -5.77 12.25 -10.23
C MET H 30 -5.84 11.72 -8.79
N ASN H 43 -3.77 14.57 -3.02
CA ASN H 43 -4.95 14.48 -2.16
C ASN H 43 -5.81 15.74 -2.29
N GLU H 44 -5.32 16.66 -3.12
CA GLU H 44 -5.96 17.92 -3.43
C GLU H 44 -6.12 18.01 -4.94
N VAL H 45 -7.08 18.84 -5.39
CA VAL H 45 -7.48 18.90 -6.80
C VAL H 45 -7.99 20.30 -7.18
N ASN H 46 -7.20 21.05 -7.95
CA ASN H 46 -7.51 22.45 -8.28
C ASN H 46 -8.22 22.52 -9.62
N PHE H 47 -9.49 22.89 -9.62
CA PHE H 47 -10.24 23.07 -10.86
C PHE H 47 -10.28 24.56 -11.14
N ARG H 48 -9.27 25.03 -11.86
CA ARG H 48 -9.17 26.45 -12.21
C ARG H 48 -10.32 26.92 -13.07
N GLU H 49 -11.09 26.00 -13.64
CA GLU H 49 -12.13 26.38 -14.58
C GLU H 49 -13.54 26.22 -14.04
N ILE H 50 -13.73 25.53 -12.92
CA ILE H 50 -15.08 25.21 -12.44
C ILE H 50 -15.36 26.12 -11.24
N PRO H 51 -16.31 27.03 -11.31
CA PRO H 51 -16.61 27.88 -10.15
C PRO H 51 -17.24 27.05 -9.04
N SER H 52 -17.39 27.68 -7.86
CA SER H 52 -17.98 26.97 -6.73
C SER H 52 -19.46 26.67 -6.91
N HIS H 53 -20.19 27.45 -7.71
CA HIS H 53 -21.60 27.13 -7.87
C HIS H 53 -21.85 25.98 -8.82
N VAL H 54 -20.82 25.46 -9.47
CA VAL H 54 -20.91 24.22 -10.21
C VAL H 54 -20.21 23.10 -9.46
N LEU H 55 -19.07 23.39 -8.85
CA LEU H 55 -18.36 22.36 -8.12
C LEU H 55 -19.16 21.91 -6.92
N SER H 56 -19.99 22.80 -6.35
CA SER H 56 -20.94 22.36 -5.35
C SER H 56 -21.91 21.33 -5.91
N LYS H 57 -22.52 21.63 -7.06
CA LYS H 57 -23.49 20.70 -7.61
C LYS H 57 -22.84 19.38 -7.92
N VAL H 58 -21.61 19.41 -8.43
CA VAL H 58 -20.95 18.18 -8.84
C VAL H 58 -20.80 17.23 -7.68
N CYS H 59 -20.40 17.74 -6.51
CA CYS H 59 -20.26 16.84 -5.36
C CYS H 59 -21.61 16.31 -4.94
N MET H 60 -22.65 17.13 -5.09
CA MET H 60 -23.99 16.64 -4.82
C MET H 60 -24.24 15.40 -5.65
N TYR H 61 -24.00 15.50 -6.97
CA TYR H 61 -24.11 14.35 -7.86
C TYR H 61 -23.32 13.13 -7.33
N PHE H 62 -22.15 13.36 -6.75
CA PHE H 62 -21.38 12.22 -6.28
C PHE H 62 -22.12 11.43 -5.21
N THR H 63 -22.78 12.14 -4.30
CA THR H 63 -23.63 11.45 -3.33
C THR H 63 -24.81 10.79 -4.03
N TYR H 64 -25.50 11.55 -4.87
CA TYR H 64 -26.67 11.01 -5.59
C TYR H 64 -26.34 9.68 -6.26
N LYS H 65 -25.19 9.58 -6.90
CA LYS H 65 -24.83 8.41 -7.69
C LYS H 65 -24.41 7.24 -6.79
N VAL H 66 -23.64 7.50 -5.75
CA VAL H 66 -23.19 6.43 -4.86
C VAL H 66 -24.37 5.84 -4.10
N ARG H 67 -25.36 6.67 -3.84
CA ARG H 67 -26.48 6.21 -3.04
C ARG H 67 -27.43 5.43 -3.91
N TYR H 68 -27.78 6.00 -5.05
CA TYR H 68 -28.87 5.49 -5.84
C TYR H 68 -28.45 4.47 -6.91
N THR H 69 -27.17 4.39 -7.25
CA THR H 69 -26.72 3.29 -8.09
C THR H 69 -27.15 1.98 -7.47
N ASN H 70 -27.79 1.13 -8.28
CA ASN H 70 -28.29 -0.18 -7.87
C ASN H 70 -29.24 -0.15 -6.66
N GLU H 74 -36.66 3.13 -5.52
CA GLU H 74 -37.16 4.16 -6.44
C GLU H 74 -36.22 5.33 -6.32
N ILE H 75 -36.01 6.02 -7.44
CA ILE H 75 -34.92 6.97 -7.61
C ILE H 75 -35.52 8.34 -7.92
N PRO H 76 -35.07 9.39 -7.23
CA PRO H 76 -35.52 10.76 -7.53
C PRO H 76 -34.77 11.49 -8.64
N GLU H 77 -35.32 12.63 -9.01
CA GLU H 77 -34.71 13.46 -10.02
C GLU H 77 -33.51 14.20 -9.46
N PHE H 78 -32.41 14.18 -10.21
CA PHE H 78 -31.29 15.05 -9.89
C PHE H 78 -31.54 16.46 -10.38
N PRO H 79 -31.71 17.41 -9.47
CA PRO H 79 -32.04 18.79 -9.89
C PRO H 79 -30.81 19.56 -10.39
N ILE H 80 -31.07 20.44 -11.35
CA ILE H 80 -30.05 21.27 -11.97
C ILE H 80 -30.70 22.60 -12.31
N ALA H 81 -30.33 23.66 -11.58
CA ALA H 81 -30.88 24.98 -11.81
C ALA H 81 -30.60 25.44 -13.24
N PRO H 82 -31.58 26.02 -13.92
CA PRO H 82 -31.30 26.53 -15.28
C PRO H 82 -30.00 27.31 -15.37
N GLU H 83 -29.77 28.27 -14.45
CA GLU H 83 -28.67 29.23 -14.56
C GLU H 83 -27.29 28.58 -14.47
N ILE H 84 -27.21 27.35 -13.97
CA ILE H 84 -25.93 26.68 -13.83
C ILE H 84 -25.77 25.51 -14.79
N ALA H 85 -26.82 25.16 -15.54
CA ALA H 85 -26.72 23.98 -16.40
C ALA H 85 -25.56 24.11 -17.38
N LEU H 86 -25.43 25.29 -17.98
CA LEU H 86 -24.50 25.45 -19.09
C LEU H 86 -23.08 25.19 -18.63
N GLU H 87 -22.72 25.74 -17.49
CA GLU H 87 -21.43 25.44 -16.91
C GLU H 87 -21.37 24.00 -16.41
N LEU H 88 -22.38 23.57 -15.64
CA LEU H 88 -22.39 22.22 -15.12
C LEU H 88 -22.29 21.18 -16.23
N LEU H 89 -22.86 21.49 -17.41
CA LEU H 89 -22.66 20.62 -18.57
C LEU H 89 -21.18 20.54 -18.94
N MET H 90 -20.54 21.70 -19.16
CA MET H 90 -19.12 21.74 -19.52
C MET H 90 -18.26 21.09 -18.43
N ALA H 91 -18.52 21.45 -17.18
CA ALA H 91 -17.90 20.77 -16.05
C ALA H 91 -18.02 19.26 -16.20
N ALA H 92 -19.24 18.78 -16.37
CA ALA H 92 -19.49 17.33 -16.38
C ALA H 92 -18.70 16.66 -17.49
N ASN H 93 -18.68 17.31 -18.67
CA ASN H 93 -17.96 16.83 -19.83
C ASN H 93 -16.48 16.57 -19.50
N PHE H 94 -15.78 17.57 -18.95
CA PHE H 94 -14.40 17.30 -18.55
C PHE H 94 -14.32 16.20 -17.49
N LEU H 95 -14.99 16.39 -16.35
CA LEU H 95 -14.88 15.45 -15.24
C LEU H 95 -15.13 13.99 -15.65
N ASP H 96 -15.89 13.77 -16.73
CA ASP H 96 -16.29 12.44 -17.17
C ASP H 96 -17.04 11.67 -16.09
N CYS H 97 -18.32 12.00 -15.93
CA CYS H 97 -19.17 11.42 -14.91
C CYS H 97 -20.62 11.74 -15.29
N LEU I 12 -34.51 -8.71 -31.86
CA LEU I 12 -35.25 -7.77 -30.99
C LEU I 12 -36.65 -7.45 -31.45
N ARG I 13 -37.55 -8.41 -31.22
CA ARG I 13 -38.95 -8.17 -31.52
C ARG I 13 -39.79 -8.96 -30.55
N SER I 14 -41.08 -8.70 -30.58
CA SER I 14 -42.00 -9.54 -29.86
C SER I 14 -42.11 -10.91 -30.52
N VAL I 15 -42.18 -11.93 -29.67
CA VAL I 15 -42.47 -13.31 -30.10
C VAL I 15 -43.98 -13.49 -30.20
N ASN I 16 -44.46 -14.05 -31.31
CA ASN I 16 -45.89 -14.10 -31.44
C ASN I 16 -46.48 -15.34 -30.77
N SER I 17 -46.17 -15.57 -29.50
CA SER I 17 -46.64 -16.77 -28.81
C SER I 17 -48.17 -16.89 -28.78
N ARG I 18 -48.89 -15.79 -28.81
CA ARG I 18 -50.33 -15.80 -28.53
C ARG I 18 -50.60 -16.43 -27.17
N GLU I 19 -49.72 -16.19 -26.20
CA GLU I 19 -49.95 -16.63 -24.83
C GLU I 19 -50.23 -15.40 -23.98
N PRO I 20 -51.49 -15.12 -23.61
CA PRO I 20 -51.78 -13.92 -22.84
C PRO I 20 -51.06 -13.89 -21.50
N SER I 21 -50.70 -12.67 -21.09
CA SER I 21 -49.89 -12.42 -19.91
C SER I 21 -50.32 -11.07 -19.35
N GLN I 22 -50.82 -11.07 -18.10
CA GLN I 22 -51.41 -9.89 -17.50
C GLN I 22 -50.34 -9.09 -16.77
N VAL I 23 -50.31 -7.80 -17.03
CA VAL I 23 -49.19 -6.95 -16.64
C VAL I 23 -49.72 -5.66 -16.02
N ILE I 24 -49.08 -5.21 -14.93
CA ILE I 24 -49.25 -3.85 -14.40
C ILE I 24 -48.00 -3.06 -14.71
N PHE I 25 -48.19 -1.93 -15.39
CA PHE I 25 -47.16 -0.92 -15.60
C PHE I 25 -47.19 -0.02 -14.39
N ASN I 27 -45.49 3.23 -12.82
CA ASN I 27 -44.64 4.39 -13.07
C ASN I 27 -44.10 5.00 -11.78
N ARG I 28 -42.96 4.50 -11.33
CA ARG I 28 -42.24 4.96 -10.15
C ARG I 28 -41.15 5.98 -10.49
N SER I 29 -41.50 6.98 -11.30
CA SER I 29 -40.60 8.04 -11.73
C SER I 29 -41.37 9.34 -11.74
N PRO I 30 -40.67 10.48 -11.78
CA PRO I 30 -41.32 11.78 -11.93
C PRO I 30 -41.70 12.14 -13.34
N ARG I 31 -41.50 11.25 -14.31
CA ARG I 31 -41.74 11.52 -15.71
C ARG I 31 -43.10 11.00 -16.16
N VAL I 32 -43.70 11.72 -17.11
CA VAL I 32 -44.69 11.10 -17.95
C VAL I 32 -44.02 9.98 -18.73
N VAL I 33 -44.44 8.75 -18.51
CA VAL I 33 -43.84 7.59 -19.15
C VAL I 33 -44.65 7.22 -20.38
N LEU I 34 -43.94 6.87 -21.45
CA LEU I 34 -44.52 6.36 -22.67
C LEU I 34 -44.02 4.93 -22.85
N PRO I 35 -44.93 3.96 -22.77
CA PRO I 35 -44.57 2.56 -23.02
C PRO I 35 -44.54 2.28 -24.51
N VAL I 36 -43.54 1.50 -24.91
CA VAL I 36 -43.31 1.19 -26.31
C VAL I 36 -43.23 -0.32 -26.41
N TRP I 37 -44.07 -0.90 -27.25
CA TRP I 37 -44.03 -2.31 -27.55
C TRP I 37 -43.29 -2.51 -28.86
N LEU I 38 -42.35 -3.45 -28.89
CA LEU I 38 -41.80 -3.87 -30.15
C LEU I 38 -42.74 -4.89 -30.75
N ASN I 39 -43.12 -4.69 -32.01
CA ASN I 39 -44.03 -5.63 -32.67
C ASN I 39 -43.21 -6.76 -33.29
N PHE I 40 -43.84 -7.52 -34.19
CA PHE I 40 -43.24 -8.75 -34.69
C PHE I 40 -42.21 -8.48 -35.77
N ASP I 41 -42.37 -7.37 -36.48
CA ASP I 41 -41.36 -6.80 -37.35
C ASP I 41 -40.31 -5.98 -36.62
N GLY I 42 -40.19 -6.12 -35.30
CA GLY I 42 -39.27 -5.30 -34.54
C GLY I 42 -39.56 -3.81 -34.54
N GLU I 43 -40.72 -3.39 -35.03
CA GLU I 43 -40.99 -1.95 -35.12
C GLU I 43 -41.56 -1.41 -33.81
N PRO I 44 -41.02 -0.33 -33.28
CA PRO I 44 -41.53 0.20 -32.00
C PRO I 44 -42.89 0.83 -32.20
N GLN I 45 -43.73 0.69 -31.18
CA GLN I 45 -45.15 1.07 -31.22
C GLN I 45 -45.53 1.83 -29.96
N PRO I 46 -45.84 3.11 -30.05
CA PRO I 46 -46.31 3.84 -28.86
C PRO I 46 -47.58 3.27 -28.30
N TYR I 47 -47.82 3.59 -27.03
CA TYR I 47 -48.97 3.20 -26.24
C TYR I 47 -49.30 4.36 -25.32
N PRO I 48 -50.50 4.38 -24.75
CA PRO I 48 -50.92 5.57 -23.98
C PRO I 48 -50.06 5.83 -22.76
N THR I 49 -49.91 7.11 -22.41
CA THR I 49 -48.87 7.49 -21.46
C THR I 49 -49.31 7.30 -20.01
N LEU I 50 -48.34 7.29 -19.12
CA LEU I 50 -48.61 7.07 -17.71
C LEU I 50 -48.18 8.32 -16.95
N PRO I 51 -49.10 9.02 -16.29
CA PRO I 51 -48.69 10.13 -15.44
C PRO I 51 -47.86 9.63 -14.28
N PRO I 52 -47.01 10.50 -13.71
CA PRO I 52 -46.05 10.04 -12.70
C PRO I 52 -46.75 9.55 -11.44
N GLY I 53 -46.33 8.39 -10.96
CA GLY I 53 -46.89 7.82 -9.75
C GLY I 53 -48.19 7.09 -9.94
N THR I 54 -48.48 6.68 -11.16
CA THR I 54 -49.66 5.91 -11.47
C THR I 54 -49.26 4.53 -12.01
N GLY I 55 -50.19 3.59 -11.90
CA GLY I 55 -50.03 2.28 -12.49
C GLY I 55 -51.25 1.97 -13.33
N ARG I 56 -51.08 1.00 -14.24
CA ARG I 56 -52.16 0.64 -15.16
C ARG I 56 -52.14 -0.86 -15.47
N ARG I 57 -53.30 -1.48 -15.42
CA ARG I 57 -53.46 -2.83 -15.89
C ARG I 57 -53.36 -2.86 -17.42
N ILE I 58 -52.55 -3.75 -17.96
CA ILE I 58 -52.46 -3.88 -19.41
C ILE I 58 -52.40 -5.37 -19.73
N HIS I 59 -52.98 -5.73 -20.88
CA HIS I 59 -53.02 -7.10 -21.37
C HIS I 59 -51.95 -7.29 -22.40
N SER I 60 -51.07 -8.24 -22.17
CA SER I 60 -49.96 -8.48 -23.06
C SER I 60 -49.87 -9.99 -23.25
N TYR I 61 -48.74 -10.43 -23.77
CA TYR I 61 -48.52 -11.82 -24.11
C TYR I 61 -47.08 -12.17 -23.76
N ARG I 62 -46.86 -13.45 -23.51
CA ARG I 62 -45.54 -13.95 -23.16
C ARG I 62 -44.58 -13.84 -24.33
N GLY I 63 -43.36 -13.37 -24.05
CA GLY I 63 -42.34 -13.19 -25.04
C GLY I 63 -42.36 -11.88 -25.81
N HIS I 64 -43.30 -10.97 -25.51
CA HIS I 64 -43.34 -9.66 -26.14
C HIS I 64 -42.31 -8.72 -25.51
N LEU I 65 -41.90 -7.70 -26.27
CA LEU I 65 -40.78 -6.84 -25.90
C LEU I 65 -41.26 -5.43 -25.64
N TRP I 66 -40.93 -4.90 -24.47
CA TRP I 66 -41.39 -3.59 -24.01
C TRP I 66 -40.23 -2.74 -23.54
N LEU I 67 -40.35 -1.44 -23.81
CA LEU I 67 -39.47 -0.45 -23.23
C LEU I 67 -40.27 0.82 -22.96
N PHE I 68 -39.69 1.71 -22.14
CA PHE I 68 -40.40 2.89 -21.63
C PHE I 68 -39.51 4.13 -21.73
N ARG I 69 -40.09 5.23 -22.23
CA ARG I 69 -39.36 6.49 -22.36
C ARG I 69 -40.07 7.62 -21.64
N ASP I 70 -39.33 8.70 -21.44
CA ASP I 70 -39.97 9.94 -21.12
C ASP I 70 -40.84 10.34 -22.30
N ALA I 71 -42.15 10.33 -22.07
CA ALA I 71 -43.11 10.55 -23.15
C ALA I 71 -42.81 11.81 -23.95
N GLY I 72 -42.18 12.81 -23.33
CA GLY I 72 -41.93 14.07 -23.97
C GLY I 72 -40.60 14.11 -24.68
N THR I 73 -39.54 13.64 -23.99
CA THR I 73 -38.17 13.84 -24.43
C THR I 73 -37.48 12.58 -24.94
N HIS I 74 -38.13 11.43 -24.79
CA HIS I 74 -37.62 10.11 -25.21
C HIS I 74 -36.38 9.69 -24.44
N ASP I 75 -36.14 10.34 -23.29
CA ASP I 75 -35.20 9.81 -22.31
C ASP I 75 -35.55 8.37 -21.96
N GLY I 76 -34.54 7.50 -21.96
CA GLY I 76 -34.79 6.11 -21.61
C GLY I 76 -35.02 5.94 -20.12
N LEU I 77 -35.94 5.07 -19.78
CA LEU I 77 -36.13 4.78 -18.38
C LEU I 77 -35.68 3.36 -18.12
N LEU I 78 -35.97 2.87 -16.93
CA LEU I 78 -35.67 1.49 -16.61
C LEU I 78 -36.96 0.76 -16.29
N VAL I 79 -36.99 -0.55 -16.53
CA VAL I 79 -38.09 -1.40 -16.10
C VAL I 79 -37.46 -2.66 -15.51
N ASN I 80 -37.26 -2.65 -14.20
CA ASN I 80 -36.76 -3.77 -13.37
C ASN I 80 -35.21 -3.90 -13.33
N THR I 82 -33.57 -2.78 -15.60
CA THR I 82 -33.16 -3.24 -16.95
C THR I 82 -33.85 -2.37 -18.01
N GLU I 83 -33.49 -2.60 -19.27
CA GLU I 83 -33.91 -1.77 -20.38
C GLU I 83 -35.19 -2.27 -21.01
N LEU I 84 -35.33 -3.60 -21.11
CA LEU I 84 -36.49 -4.23 -21.72
C LEU I 84 -37.33 -5.00 -20.70
N PHE I 85 -38.61 -5.17 -21.06
CA PHE I 85 -39.56 -5.90 -20.25
C PHE I 85 -40.17 -7.01 -21.09
N VAL I 86 -40.05 -8.24 -20.62
CA VAL I 86 -40.68 -9.37 -21.32
C VAL I 86 -41.70 -10.03 -20.41
N PRO I 87 -43.00 -9.85 -20.66
CA PRO I 87 -43.99 -10.52 -19.82
C PRO I 87 -43.78 -12.02 -19.88
N SER I 88 -43.88 -12.68 -18.74
CA SER I 88 -43.71 -14.12 -18.65
C SER I 88 -44.99 -14.74 -18.14
N LEU I 89 -44.91 -16.03 -17.81
CA LEU I 89 -46.07 -16.78 -17.33
C LEU I 89 -46.72 -16.11 -16.12
N ASN I 90 -48.05 -16.03 -16.12
CA ASN I 90 -48.80 -15.67 -14.92
C ASN I 90 -48.90 -16.89 -14.02
N VAL I 91 -48.84 -16.68 -12.71
CA VAL I 91 -48.66 -17.78 -11.75
C VAL I 91 -49.66 -17.64 -10.62
N ASP I 92 -50.74 -18.43 -10.68
CA ASP I 92 -51.95 -18.24 -9.87
C ASP I 92 -52.57 -16.87 -10.14
N GLY I 93 -52.76 -16.59 -11.43
CA GLY I 93 -53.47 -15.38 -11.84
C GLY I 93 -52.91 -14.13 -11.20
N GLN I 94 -51.59 -14.04 -11.15
CA GLN I 94 -50.93 -12.91 -10.52
C GLN I 94 -50.30 -12.08 -11.62
N PRO I 95 -50.73 -10.82 -11.77
CA PRO I 95 -50.19 -10.00 -12.83
C PRO I 95 -48.70 -9.81 -12.63
N ILE I 96 -47.98 -9.55 -13.71
CA ILE I 96 -46.55 -9.29 -13.68
C ILE I 96 -46.35 -7.80 -13.49
N PHE I 97 -45.43 -7.42 -12.65
CA PHE I 97 -45.25 -6.00 -12.37
C PHE I 97 -44.07 -5.44 -13.15
N ALA I 98 -44.34 -4.40 -13.94
CA ALA I 98 -43.32 -3.61 -14.61
C ALA I 98 -43.08 -2.38 -13.74
N ASN I 99 -41.86 -2.23 -13.25
CA ASN I 99 -41.52 -1.11 -12.39
C ASN I 99 -40.64 -0.14 -13.17
N ILE I 100 -41.25 0.99 -13.54
CA ILE I 100 -40.63 2.01 -14.38
C ILE I 100 -40.03 3.02 -13.44
N THR I 101 -38.71 3.20 -13.53
CA THR I 101 -37.97 4.03 -12.59
C THR I 101 -36.95 4.88 -13.33
N LEU I 102 -36.60 6.01 -12.74
CA LEU I 102 -35.49 6.78 -13.27
C LEU I 102 -34.23 5.95 -13.11
N PRO I 103 -33.37 5.93 -14.11
CA PRO I 103 -32.02 5.41 -13.90
C PRO I 103 -31.13 6.47 -13.25
N VAL I 104 -29.99 6.01 -12.72
CA VAL I 104 -29.03 7.02 -12.36
C VAL I 104 -28.40 7.51 -13.65
N TYR I 105 -28.99 8.52 -14.28
CA TYR I 105 -28.32 9.20 -15.38
C TYR I 105 -26.92 9.64 -14.97
N THR I 106 -25.99 9.62 -15.91
CA THR I 106 -24.73 10.33 -15.69
C THR I 106 -24.98 11.83 -15.65
N LEU I 107 -24.11 12.51 -14.90
CA LEU I 107 -24.28 13.94 -14.69
C LEU I 107 -24.34 14.66 -16.01
N LYS I 108 -23.55 14.19 -16.97
CA LYS I 108 -23.47 14.85 -18.26
C LYS I 108 -24.81 14.78 -18.97
N GLU I 109 -25.34 13.55 -19.12
CA GLU I 109 -26.63 13.38 -19.78
C GLU I 109 -27.71 14.18 -19.05
N ARG I 110 -27.65 14.20 -17.73
CA ARG I 110 -28.61 14.97 -16.96
C ARG I 110 -28.52 16.44 -17.30
N CYS I 111 -27.31 16.94 -17.55
CA CYS I 111 -27.18 18.34 -17.92
C CYS I 111 -27.71 18.57 -19.31
N LEU I 112 -27.39 17.64 -20.23
CA LEU I 112 -27.90 17.72 -21.60
C LEU I 112 -29.42 17.84 -21.61
N GLN I 113 -30.09 17.10 -20.73
CA GLN I 113 -31.54 17.12 -20.63
C GLN I 113 -32.06 18.50 -20.23
N VAL I 114 -31.56 19.02 -19.12
CA VAL I 114 -31.98 20.34 -18.67
C VAL I 114 -31.75 21.39 -19.76
N VAL I 115 -30.64 21.27 -20.51
CA VAL I 115 -30.34 22.29 -21.51
C VAL I 115 -31.27 22.15 -22.72
N ARG I 116 -31.29 20.95 -23.33
CA ARG I 116 -32.25 20.66 -24.41
C ARG I 116 -33.65 21.09 -24.02
N SER I 117 -33.96 20.95 -22.73
CA SER I 117 -35.25 21.33 -22.20
C SER I 117 -35.42 22.84 -22.12
N LEU I 118 -34.32 23.59 -22.18
CA LEU I 118 -34.38 25.04 -22.01
C LEU I 118 -34.17 25.84 -23.29
N VAL I 119 -33.52 25.27 -24.30
CA VAL I 119 -33.20 26.02 -25.50
C VAL I 119 -33.84 25.35 -26.72
N LYS I 120 -34.51 26.18 -27.54
CA LYS I 120 -35.13 25.71 -28.78
C LYS I 120 -34.06 25.30 -29.79
N PRO I 121 -34.27 24.24 -30.54
CA PRO I 121 -33.16 23.95 -31.46
C PRO I 121 -33.32 24.75 -32.77
N ASN I 123 -31.29 27.20 -32.01
CA ASN I 123 -30.63 28.10 -31.05
C ASN I 123 -29.62 27.34 -30.22
N TYR I 124 -29.53 26.03 -30.46
CA TYR I 124 -28.49 25.23 -29.80
C TYR I 124 -27.11 25.80 -30.07
N ARG I 125 -26.92 26.46 -31.21
CA ARG I 125 -25.63 26.97 -31.66
C ARG I 125 -25.29 28.34 -31.11
N ARG I 126 -26.29 29.16 -30.76
CA ARG I 126 -26.03 30.44 -30.06
C ARG I 126 -25.45 30.26 -28.64
N LEU I 127 -25.11 29.05 -28.21
CA LEU I 127 -24.53 28.87 -26.90
C LEU I 127 -23.03 29.11 -26.95
N ASP I 128 -22.43 29.25 -25.77
CA ASP I 128 -21.00 29.47 -25.65
C ASP I 128 -20.29 28.20 -25.22
N ILE I 129 -20.49 27.14 -25.99
CA ILE I 129 -19.95 25.84 -25.61
C ILE I 129 -19.16 25.25 -26.77
N VAL I 130 -18.15 24.45 -26.43
CA VAL I 130 -17.32 23.74 -27.39
C VAL I 130 -18.20 23.03 -28.40
N ARG I 131 -17.71 22.91 -29.64
CA ARG I 131 -18.44 22.19 -30.69
C ARG I 131 -18.66 20.73 -30.35
N SER I 132 -17.83 20.15 -29.47
CA SER I 132 -18.07 18.80 -29.01
C SER I 132 -19.47 18.68 -28.42
N LEU I 133 -19.79 19.56 -27.47
CA LEU I 133 -21.08 19.50 -26.82
C LEU I 133 -22.23 19.87 -27.76
N TYR I 134 -21.97 20.64 -28.82
CA TYR I 134 -23.01 20.96 -29.79
C TYR I 134 -23.64 19.70 -30.38
N GLU I 135 -22.81 18.82 -30.95
CA GLU I 135 -23.35 17.57 -31.46
C GLU I 135 -24.05 16.80 -30.36
N ASP I 136 -23.56 16.91 -29.11
CA ASP I 136 -24.19 16.21 -27.99
C ASP I 136 -25.63 16.66 -27.79
N LEU I 137 -25.84 17.97 -27.74
CA LEU I 137 -27.20 18.48 -27.57
C LEU I 137 -28.12 18.02 -28.68
N GLU I 138 -27.58 17.90 -29.90
CA GLU I 138 -28.40 17.58 -31.06
C GLU I 138 -28.69 16.08 -31.16
N ASP I 139 -27.79 15.23 -30.64
CA ASP I 139 -28.03 13.79 -30.66
C ASP I 139 -29.09 13.46 -29.63
N HIS I 140 -30.34 13.78 -29.93
CA HIS I 140 -31.42 13.50 -29.00
C HIS I 140 -31.52 12.01 -28.72
N PRO I 141 -32.03 11.63 -27.55
CA PRO I 141 -32.27 10.21 -27.29
C PRO I 141 -33.25 9.67 -28.31
N ASN I 142 -33.03 8.45 -28.73
CA ASN I 142 -33.73 7.96 -29.91
C ASN I 142 -33.98 6.48 -29.72
N VAL I 143 -35.26 6.10 -29.65
CA VAL I 143 -35.62 4.70 -29.42
C VAL I 143 -34.98 3.82 -30.49
N GLN I 144 -35.06 4.24 -31.76
CA GLN I 144 -34.49 3.44 -32.83
C GLN I 144 -32.99 3.31 -32.62
N LYS I 145 -32.31 4.42 -32.37
CA LYS I 145 -30.87 4.38 -32.14
C LYS I 145 -30.53 3.44 -30.98
N ASP I 146 -31.37 3.41 -29.96
CA ASP I 146 -31.12 2.56 -28.80
C ASP I 146 -31.30 1.09 -29.14
N LEU I 147 -32.41 0.77 -29.80
CA LEU I 147 -32.66 -0.58 -30.27
C LEU I 147 -31.51 -1.10 -31.12
N GLU I 148 -30.95 -0.23 -31.98
CA GLU I 148 -29.69 -0.49 -32.68
C GLU I 148 -28.57 -0.80 -31.69
N ARG I 149 -28.31 0.13 -30.77
CA ARG I 149 -27.18 0.02 -29.85
C ARG I 149 -27.23 -1.29 -29.08
N LEU I 150 -28.36 -1.55 -28.41
CA LEU I 150 -28.49 -2.76 -27.60
C LEU I 150 -28.12 -3.99 -28.41
N THR I 151 -28.68 -4.10 -29.62
CA THR I 151 -28.48 -5.29 -30.46
C THR I 151 -27.00 -5.63 -30.64
N GLN I 152 -26.13 -4.65 -30.56
CA GLN I 152 -24.71 -4.88 -30.63
C GLN I 152 -24.17 -5.33 -29.26
N MET J 1 -18.08 -34.65 30.98
CA MET J 1 -18.14 -33.52 30.06
C MET J 1 -16.80 -32.77 29.92
N ASP J 2 -16.21 -32.84 28.74
CA ASP J 2 -15.07 -32.01 28.42
C ASP J 2 -15.49 -30.54 28.29
N VAL J 3 -14.58 -29.62 28.67
CA VAL J 3 -14.73 -28.21 28.35
C VAL J 3 -13.44 -27.72 27.72
N PHE J 4 -13.58 -26.85 26.73
CA PHE J 4 -12.47 -26.45 25.89
C PHE J 4 -12.23 -24.96 26.08
N LEU J 5 -10.98 -24.60 26.42
CA LEU J 5 -10.68 -23.34 27.07
C LEU J 5 -9.53 -22.58 26.42
N MET J 6 -9.60 -21.29 26.56
CA MET J 6 -8.55 -20.37 26.21
C MET J 6 -8.10 -19.69 27.52
N ILE J 7 -7.01 -20.16 28.09
CA ILE J 7 -6.33 -19.49 29.20
C ILE J 7 -5.43 -18.40 28.63
N ARG J 8 -5.67 -17.16 29.01
CA ARG J 8 -5.09 -16.04 28.26
C ARG J 8 -4.54 -14.95 29.18
N ARG J 9 -3.31 -14.52 28.92
CA ARG J 9 -2.60 -13.60 29.79
C ARG J 9 -1.62 -12.79 28.95
N HIS J 10 -1.73 -11.48 29.04
CA HIS J 10 -0.95 -10.60 28.20
C HIS J 10 -1.10 -10.95 26.73
N LYS J 11 -0.09 -11.56 26.12
CA LYS J 11 -0.20 -12.00 24.74
C LYS J 11 -0.09 -13.50 24.64
N THR J 12 -0.20 -14.20 25.76
CA THR J 12 -0.14 -15.65 25.81
C THR J 12 -1.53 -16.25 25.81
N THR J 13 -1.67 -17.40 25.16
CA THR J 13 -2.96 -18.08 25.12
C THR J 13 -2.70 -19.58 25.07
N ILE J 14 -3.05 -20.27 26.13
CA ILE J 14 -2.94 -21.72 26.18
C ILE J 14 -4.27 -22.29 25.73
N PHE J 15 -4.25 -23.14 24.71
CA PHE J 15 -5.45 -23.86 24.28
C PHE J 15 -5.41 -25.24 24.95
N THR J 16 -6.21 -25.43 25.98
CA THR J 16 -6.33 -26.73 26.62
C THR J 16 -7.79 -27.06 26.92
N ASP J 17 -8.04 -28.33 27.25
CA ASP J 17 -9.36 -28.74 27.68
C ASP J 17 -9.28 -29.29 29.09
N ALA J 18 -10.44 -29.51 29.69
CA ALA J 18 -10.52 -30.22 30.97
C ALA J 18 -11.95 -30.68 31.14
N LYS J 19 -12.23 -31.30 32.27
CA LYS J 19 -13.56 -31.75 32.57
C LYS J 19 -14.36 -30.68 33.30
N GLU J 20 -15.64 -30.58 32.97
CA GLU J 20 -16.56 -29.70 33.69
C GLU J 20 -16.42 -29.85 35.20
N SER J 21 -16.19 -31.09 35.66
CA SER J 21 -16.06 -31.37 37.08
C SER J 21 -14.66 -31.05 37.62
N SER J 22 -13.66 -30.92 36.74
CA SER J 22 -12.32 -30.61 37.22
C SER J 22 -12.34 -29.25 37.91
N THR J 23 -11.36 -29.02 38.78
CA THR J 23 -11.38 -27.88 39.67
C THR J 23 -10.48 -26.78 39.13
N VAL J 24 -10.76 -25.54 39.57
CA VAL J 24 -9.88 -24.42 39.22
C VAL J 24 -8.43 -24.75 39.51
N PHE J 25 -8.18 -25.38 40.67
CA PHE J 25 -6.80 -25.63 41.06
C PHE J 25 -6.14 -26.59 40.08
N GLU J 26 -6.81 -27.72 39.79
CA GLU J 26 -6.33 -28.66 38.78
C GLU J 26 -5.96 -27.94 37.49
N LEU J 27 -6.72 -26.89 37.17
CA LEU J 27 -6.40 -26.07 36.01
C LEU J 27 -5.13 -25.28 36.24
N LYS J 28 -5.01 -24.62 37.40
CA LYS J 28 -3.76 -23.94 37.73
C LYS J 28 -2.56 -24.84 37.53
N ARG J 29 -2.67 -26.11 37.94
CA ARG J 29 -1.58 -27.06 37.77
C ARG J 29 -1.17 -27.22 36.30
N ILE J 30 -2.16 -27.31 35.40
CA ILE J 30 -1.90 -27.29 33.95
C ILE J 30 -1.08 -26.06 33.59
N VAL J 31 -1.55 -24.87 33.98
CA VAL J 31 -0.80 -23.66 33.69
C VAL J 31 0.65 -23.83 34.12
N GLU J 32 0.88 -24.42 35.30
CA GLU J 32 2.23 -24.54 35.83
C GLU J 32 3.10 -25.42 34.95
N GLY J 33 2.55 -26.56 34.53
CA GLY J 33 3.25 -27.41 33.58
C GLY J 33 3.72 -26.63 32.37
N ILE J 34 2.85 -25.83 31.80
CA ILE J 34 3.19 -25.15 30.56
C ILE J 34 4.06 -23.94 30.84
N LEU J 35 3.60 -23.03 31.68
CA LEU J 35 4.27 -21.75 31.79
C LEU J 35 5.28 -21.66 32.93
N LYS J 36 5.44 -22.75 33.70
CA LYS J 36 6.45 -22.79 34.74
C LYS J 36 6.22 -21.62 35.69
N ARG J 37 5.21 -21.74 36.55
CA ARG J 37 4.91 -20.89 37.71
C ARG J 37 3.99 -21.75 38.56
N PRO J 38 4.25 -21.91 39.85
CA PRO J 38 3.43 -22.83 40.66
C PRO J 38 2.04 -22.27 40.85
N PRO J 39 1.05 -23.13 41.05
CA PRO J 39 -0.34 -22.67 41.23
C PRO J 39 -0.53 -21.46 42.12
N ASP J 40 0.20 -21.36 43.21
CA ASP J 40 -0.05 -20.28 44.15
C ASP J 40 0.49 -18.95 43.67
N GLU J 41 1.15 -18.94 42.52
CA GLU J 41 1.55 -17.69 41.90
C GLU J 41 0.62 -17.33 40.76
N GLN J 42 -0.48 -18.07 40.62
CA GLN J 42 -1.48 -17.86 39.59
C GLN J 42 -2.77 -17.35 40.20
N ARG J 43 -3.34 -16.33 39.57
CA ARG J 43 -4.73 -15.99 39.75
C ARG J 43 -5.47 -16.32 38.47
N LEU J 44 -6.63 -16.97 38.59
CA LEU J 44 -7.48 -17.30 37.45
C LEU J 44 -8.79 -16.55 37.57
N TYR J 45 -9.26 -16.03 36.45
CA TYR J 45 -10.48 -15.21 36.40
C TYR J 45 -11.51 -15.83 35.45
N LYS J 46 -12.80 -15.60 35.74
CA LYS J 46 -13.86 -15.67 34.74
C LYS J 46 -14.41 -14.27 34.57
N ASP J 47 -14.10 -13.64 33.45
CA ASP J 47 -14.30 -12.21 33.24
C ASP J 47 -13.47 -11.51 34.29
N ASP J 48 -14.07 -10.68 35.15
CA ASP J 48 -13.45 -9.90 36.19
C ASP J 48 -13.52 -10.60 37.53
N GLN J 49 -14.11 -11.80 37.53
CA GLN J 49 -14.39 -12.55 38.74
C GLN J 49 -13.26 -13.52 39.02
N LEU J 50 -12.60 -13.33 40.15
CA LEU J 50 -11.55 -14.24 40.56
C LEU J 50 -12.13 -15.61 40.93
N LEU J 51 -11.45 -16.67 40.51
CA LEU J 51 -11.92 -18.03 40.69
C LEU J 51 -11.21 -18.63 41.89
N ASP J 52 -11.96 -19.38 42.71
CA ASP J 52 -11.44 -20.07 43.89
C ASP J 52 -10.97 -21.46 43.53
N ASP J 53 -9.86 -21.88 44.18
CA ASP J 53 -9.23 -23.17 43.84
C ASP J 53 -10.22 -24.32 43.81
N GLY J 54 -11.09 -24.40 44.80
CA GLY J 54 -11.84 -25.62 44.99
C GLY J 54 -13.17 -25.65 44.28
N LYS J 55 -13.51 -24.61 43.53
CA LYS J 55 -14.74 -24.62 42.76
C LYS J 55 -14.48 -25.40 41.47
N THR J 56 -15.51 -26.12 41.02
CA THR J 56 -15.44 -26.82 39.74
C THR J 56 -15.65 -25.84 38.59
N LEU J 57 -15.20 -26.25 37.40
CA LEU J 57 -15.41 -25.43 36.22
C LEU J 57 -16.89 -25.17 36.01
N GLY J 58 -17.72 -26.22 36.16
CA GLY J 58 -19.12 -26.08 35.86
C GLY J 58 -19.80 -25.11 36.78
N GLU J 59 -19.45 -25.16 38.06
CA GLU J 59 -19.87 -24.18 39.06
C GLU J 59 -19.51 -22.76 38.64
N GLY J 61 -19.34 -21.84 35.57
CA GLY J 61 -20.05 -21.48 34.35
C GLY J 61 -19.33 -21.87 33.08
N PHE J 62 -18.50 -22.89 33.17
CA PHE J 62 -17.77 -23.45 32.04
C PHE J 62 -18.44 -24.78 31.75
N THR J 63 -19.43 -24.74 30.89
CA THR J 63 -20.24 -25.90 30.57
C THR J 63 -19.90 -26.39 29.18
N SER J 64 -20.12 -27.70 28.96
CA SER J 64 -19.83 -28.32 27.67
C SER J 64 -20.48 -27.62 26.49
N GLN J 65 -21.56 -26.90 26.69
CA GLN J 65 -22.16 -26.16 25.60
C GLN J 65 -21.82 -24.66 25.57
N THR J 66 -21.11 -24.13 26.57
CA THR J 66 -20.48 -22.84 26.30
C THR J 66 -19.02 -23.00 25.90
N ALA J 67 -18.27 -23.88 26.55
CA ALA J 67 -16.84 -24.03 26.27
C ALA J 67 -16.66 -25.09 25.20
N ARG J 68 -16.85 -24.68 23.92
CA ARG J 68 -16.93 -25.67 22.86
C ARG J 68 -15.61 -25.76 22.11
N PRO J 69 -15.34 -26.89 21.44
CA PRO J 69 -14.02 -27.05 20.80
C PRO J 69 -13.73 -25.99 19.75
N GLN J 70 -14.73 -25.59 18.98
CA GLN J 70 -14.64 -24.57 17.94
C GLN J 70 -14.88 -23.16 18.46
N ALA J 71 -15.28 -23.06 19.73
CA ALA J 71 -15.70 -21.81 20.34
C ALA J 71 -15.39 -21.89 21.82
N PRO J 72 -14.11 -21.85 22.18
CA PRO J 72 -13.70 -22.17 23.56
C PRO J 72 -13.84 -21.03 24.57
N ALA J 73 -14.15 -21.39 25.81
CA ALA J 73 -14.28 -20.37 26.84
C ALA J 73 -12.91 -19.79 27.23
N THR J 74 -12.93 -18.56 27.75
CA THR J 74 -11.73 -17.78 28.09
C THR J 74 -11.60 -17.73 29.61
N VAL J 75 -10.49 -18.25 30.11
CA VAL J 75 -10.14 -18.09 31.51
C VAL J 75 -8.97 -17.13 31.54
N GLY J 76 -9.05 -16.09 32.39
CA GLY J 76 -7.96 -15.12 32.49
C GLY J 76 -6.84 -15.55 33.44
N LEU J 77 -5.62 -15.10 33.14
CA LEU J 77 -4.43 -15.50 33.88
C LEU J 77 -3.65 -14.28 34.35
N ALA J 78 -3.24 -14.30 35.62
CA ALA J 78 -2.61 -13.17 36.32
C ALA J 78 -1.53 -13.74 37.22
N PHE J 79 -0.28 -13.43 36.90
CA PHE J 79 0.85 -13.96 37.64
C PHE J 79 1.27 -13.05 38.79
N ARG J 80 1.77 -13.67 39.86
CA ARG J 80 2.45 -12.89 40.89
C ARG J 80 3.74 -12.34 40.31
N ALA J 81 3.98 -11.03 40.49
CA ALA J 81 5.22 -10.38 40.09
C ALA J 81 5.71 -9.56 41.27
N ASP J 82 6.57 -10.17 42.09
CA ASP J 82 7.19 -9.57 43.27
C ASP J 82 6.16 -9.39 44.39
N ASP J 83 5.90 -10.48 45.12
CA ASP J 83 4.85 -10.54 46.16
C ASP J 83 3.46 -10.23 45.59
N THR J 84 3.26 -9.00 45.13
CA THR J 84 1.94 -8.56 44.67
C THR J 84 1.62 -9.09 43.27
N PHE J 85 0.39 -9.60 43.11
CA PHE J 85 -0.05 -10.04 41.81
C PHE J 85 -0.19 -8.85 40.88
N GLU J 86 0.24 -9.05 39.64
CA GLU J 86 0.00 -8.09 38.58
C GLU J 86 -1.48 -7.98 38.28
N ALA J 87 -1.86 -6.85 37.69
CA ALA J 87 -3.21 -6.73 37.20
C ALA J 87 -3.46 -7.76 36.09
N LEU J 88 -4.73 -8.07 35.86
CA LEU J 88 -5.10 -8.94 34.76
C LEU J 88 -5.09 -8.15 33.47
N ILE J 90 -5.20 -8.96 29.27
CA ILE J 90 -5.17 -9.79 28.09
C ILE J 90 -5.21 -8.89 26.87
N GLU J 91 -4.24 -9.06 25.99
CA GLU J 91 -4.19 -8.23 24.81
C GLU J 91 -5.21 -8.75 23.81
N PRO J 92 -5.98 -7.88 23.18
CA PRO J 92 -6.86 -8.35 22.10
C PRO J 92 -6.04 -8.94 20.96
N PHE J 93 -6.60 -9.96 20.29
CA PHE J 93 -6.06 -10.43 19.03
C PHE J 93 -6.08 -9.31 17.99
N SER J 94 -5.42 -9.54 16.85
CA SER J 94 -5.38 -8.52 15.81
C SER J 94 -6.78 -8.24 15.29
N SER J 95 -6.88 -7.21 14.47
CA SER J 95 -8.18 -6.79 14.00
C SER J 95 -8.30 -7.06 12.52
N PRO J 96 -9.37 -7.72 12.09
CA PRO J 96 -9.44 -8.14 10.69
C PRO J 96 -9.72 -6.94 9.81
N PRO J 97 -9.11 -6.89 8.62
CA PRO J 97 -9.40 -5.81 7.68
C PRO J 97 -10.88 -5.72 7.35
N GLU J 98 -11.28 -4.60 6.76
CA GLU J 98 -12.70 -4.42 6.50
C GLU J 98 -13.12 -5.29 5.32
N LEU J 99 -14.39 -5.66 5.31
CA LEU J 99 -14.91 -6.62 4.35
C LEU J 99 -14.75 -6.13 2.91
N PRO J 100 -14.17 -6.95 2.01
CA PRO J 100 -14.11 -6.56 0.59
C PRO J 100 -15.47 -6.19 0.04
N ASP J 101 -15.46 -5.41 -1.06
CA ASP J 101 -16.71 -5.04 -1.72
C ASP J 101 -17.45 -6.28 -2.18
N VAL J 102 -16.73 -7.18 -2.83
CA VAL J 102 -17.28 -8.37 -3.47
C VAL J 102 -17.79 -9.36 -2.45
N MET J 103 -17.75 -8.99 -1.16
CA MET J 103 -18.38 -9.75 -0.08
C MET J 103 -19.45 -8.91 0.61
N MET K 1 1.62 -34.22 28.97
CA MET K 1 1.11 -33.79 27.67
C MET K 1 1.97 -32.69 27.10
N MET K 2 2.71 -32.99 26.03
CA MET K 2 3.58 -31.98 25.44
C MET K 2 2.79 -30.96 24.63
N TYR K 3 3.36 -29.76 24.57
CA TYR K 3 2.78 -28.61 23.92
C TYR K 3 3.77 -28.03 22.91
N VAL K 4 3.27 -27.09 22.11
CA VAL K 4 4.05 -26.33 21.16
C VAL K 4 3.56 -24.89 21.14
N LYS K 5 4.45 -24.01 20.69
CA LYS K 5 4.16 -22.60 20.59
C LYS K 5 4.06 -22.23 19.13
N LEU K 6 2.98 -21.56 18.78
CA LEU K 6 2.83 -20.90 17.48
C LEU K 6 2.74 -19.42 17.77
N ILE K 7 3.35 -18.59 16.93
CA ILE K 7 3.43 -17.17 17.22
C ILE K 7 2.92 -16.43 16.00
N SER K 8 1.85 -15.64 16.19
CA SER K 8 1.28 -14.94 15.08
C SER K 8 2.20 -13.82 14.62
N SER K 9 1.88 -13.26 13.46
CA SER K 9 2.68 -12.17 12.94
C SER K 9 2.76 -11.05 13.95
N ASP K 10 1.64 -10.68 14.53
CA ASP K 10 1.72 -9.74 15.64
C ASP K 10 2.10 -10.40 16.96
N GLY K 11 2.99 -11.39 16.93
CA GLY K 11 3.63 -11.95 18.12
C GLY K 11 2.78 -12.40 19.30
N HIS K 12 1.47 -12.52 19.14
CA HIS K 12 0.70 -13.31 20.08
C HIS K 12 1.27 -14.73 20.15
N GLU K 13 1.31 -15.31 21.33
CA GLU K 13 1.87 -16.64 21.51
C GLU K 13 0.79 -17.67 21.86
N PHE K 14 0.57 -18.61 20.96
CA PHE K 14 -0.47 -19.63 21.09
C PHE K 14 0.18 -20.94 21.44
N ILE K 15 -0.21 -21.52 22.58
CA ILE K 15 0.38 -22.74 23.08
C ILE K 15 -0.69 -23.82 23.00
N VAL K 16 -0.47 -24.80 22.13
CA VAL K 16 -1.48 -25.84 21.89
C VAL K 16 -0.82 -27.19 22.02
N LYS K 17 -1.59 -28.18 22.45
CA LYS K 17 -1.07 -29.53 22.61
C LYS K 17 -0.37 -29.94 21.33
N ARG K 18 0.74 -30.65 21.50
CA ARG K 18 1.53 -31.11 20.37
C ARG K 18 0.65 -31.93 19.43
N GLU K 19 -0.11 -32.86 19.99
CA GLU K 19 -0.94 -33.73 19.18
C GLU K 19 -1.80 -32.91 18.22
N HIS K 20 -2.48 -31.88 18.74
CA HIS K 20 -3.36 -31.07 17.91
C HIS K 20 -2.60 -30.36 16.81
N ALA K 21 -1.38 -29.93 17.09
CA ALA K 21 -0.65 -29.20 16.07
C ALA K 21 -0.17 -30.12 14.97
N LEU K 22 0.03 -31.40 15.28
CA LEU K 22 0.42 -32.34 14.26
C LEU K 22 -0.70 -32.55 13.24
N THR K 23 -1.89 -32.05 13.55
CA THR K 23 -2.93 -32.03 12.53
C THR K 23 -2.45 -31.32 11.27
N SER K 24 -1.97 -30.09 11.39
CA SER K 24 -1.36 -29.44 10.24
C SER K 24 -0.12 -30.19 9.81
N GLY K 25 -0.08 -30.63 8.55
CA GLY K 25 1.03 -31.44 8.10
C GLY K 25 2.30 -30.62 7.96
N THR K 26 2.17 -29.42 7.41
CA THR K 26 3.26 -28.44 7.46
C THR K 26 3.86 -28.42 8.87
N ILE K 27 3.05 -28.04 9.86
CA ILE K 27 3.55 -27.92 11.22
C ILE K 27 4.19 -29.22 11.68
N LYS K 28 3.56 -30.36 11.36
CA LYS K 28 4.14 -31.66 11.68
C LYS K 28 5.57 -31.75 11.19
N ALA K 29 5.84 -31.18 10.02
CA ALA K 29 7.20 -31.13 9.49
C ALA K 29 8.04 -30.16 10.32
N MET K 30 7.70 -28.88 10.27
CA MET K 30 8.36 -27.80 11.01
C MET K 30 8.89 -28.21 12.38
N LEU K 31 8.32 -29.25 12.96
CA LEU K 31 8.69 -29.67 14.29
C LEU K 31 9.56 -30.93 14.24
N ASN K 43 10.19 -26.84 19.05
CA ASN K 43 8.99 -26.54 19.84
C ASN K 43 8.28 -25.24 19.47
N GLU K 44 9.01 -24.22 19.07
CA GLU K 44 8.43 -22.95 18.64
C GLU K 44 8.24 -22.91 17.13
N VAL K 45 7.21 -22.17 16.65
CA VAL K 45 7.00 -21.92 15.23
C VAL K 45 6.47 -20.50 15.02
N ASN K 46 7.16 -19.71 14.17
CA ASN K 46 6.87 -18.29 13.90
C ASN K 46 6.16 -18.07 12.57
N PHE K 47 4.88 -17.75 12.60
CA PHE K 47 4.12 -17.48 11.38
C PHE K 47 4.13 -15.98 11.16
N ARG K 48 5.02 -15.52 10.26
CA ARG K 48 5.23 -14.10 10.04
C ARG K 48 4.15 -13.43 9.20
N GLU K 49 3.34 -14.19 8.48
CA GLU K 49 2.26 -13.58 7.71
C GLU K 49 0.88 -14.04 8.16
N ILE K 50 0.79 -14.63 9.35
CA ILE K 50 -0.49 -15.05 9.94
C ILE K 50 -0.79 -14.16 11.14
N PRO K 51 -1.72 -13.21 11.03
CA PRO K 51 -2.13 -12.43 12.20
C PRO K 51 -2.81 -13.30 13.26
N SER K 52 -2.96 -12.72 14.47
CA SER K 52 -3.47 -13.47 15.63
C SER K 52 -4.95 -13.81 15.47
N HIS K 53 -5.75 -12.87 14.92
CA HIS K 53 -7.18 -13.11 14.73
C HIS K 53 -7.47 -14.28 13.79
N VAL K 54 -6.46 -14.76 13.07
CA VAL K 54 -6.53 -15.93 12.20
C VAL K 54 -5.86 -17.11 12.86
N LEU K 55 -4.66 -16.94 13.39
CA LEU K 55 -4.00 -18.07 14.02
C LEU K 55 -4.76 -18.53 15.26
N SER K 56 -5.53 -17.66 15.91
CA SER K 56 -6.39 -18.18 16.97
C SER K 56 -7.47 -19.13 16.44
N LYS K 57 -8.05 -18.82 15.27
CA LYS K 57 -9.08 -19.68 14.69
C LYS K 57 -8.49 -20.95 14.12
N VAL K 58 -7.24 -20.89 13.66
CA VAL K 58 -6.53 -22.10 13.29
C VAL K 58 -6.53 -23.08 14.45
N CYS K 59 -6.22 -22.56 15.64
CA CYS K 59 -6.14 -23.39 16.81
C CYS K 59 -7.51 -23.90 17.17
N MET K 60 -8.52 -23.06 17.10
CA MET K 60 -9.87 -23.56 17.33
C MET K 60 -10.18 -24.72 16.41
N TYR K 61 -9.71 -24.66 15.16
CA TYR K 61 -9.91 -25.75 14.22
C TYR K 61 -9.17 -27.01 14.67
N PHE K 62 -7.92 -26.89 15.09
CA PHE K 62 -7.18 -28.05 15.58
C PHE K 62 -7.97 -28.77 16.67
N THR K 63 -8.49 -28.02 17.64
CA THR K 63 -9.33 -28.64 18.65
C THR K 63 -10.49 -29.35 17.99
N TYR K 64 -11.28 -28.61 17.22
CA TYR K 64 -12.46 -29.16 16.57
C TYR K 64 -12.14 -30.44 15.78
N LYS K 65 -11.06 -30.42 14.98
CA LYS K 65 -10.66 -31.59 14.19
C LYS K 65 -10.37 -32.80 15.08
N VAL K 66 -9.54 -32.63 16.10
CA VAL K 66 -9.18 -33.79 16.90
C VAL K 66 -10.39 -34.28 17.68
N ARG K 67 -11.28 -33.38 18.08
CA ARG K 67 -12.41 -33.79 18.91
C ARG K 67 -13.48 -34.53 18.11
N TYR K 68 -13.58 -34.29 16.80
CA TYR K 68 -14.74 -34.80 16.06
C TYR K 68 -14.40 -35.81 14.97
N THR K 69 -13.21 -36.40 15.02
CA THR K 69 -12.80 -37.34 14.02
C THR K 69 -12.91 -38.77 14.54
N THR K 73 -20.54 -38.75 17.38
CA THR K 73 -21.57 -37.77 17.75
C THR K 73 -21.90 -36.93 16.54
N GLU K 74 -23.10 -36.37 16.51
CA GLU K 74 -23.47 -35.39 15.49
C GLU K 74 -22.46 -34.24 15.56
N ILE K 75 -21.77 -34.01 14.46
CA ILE K 75 -20.69 -33.02 14.38
C ILE K 75 -21.31 -31.64 14.11
N PRO K 76 -20.94 -30.61 14.85
CA PRO K 76 -21.43 -29.28 14.54
C PRO K 76 -20.63 -28.62 13.42
N GLU K 77 -21.17 -27.50 12.94
CA GLU K 77 -20.47 -26.72 11.96
C GLU K 77 -19.30 -26.01 12.59
N PHE K 78 -18.18 -25.99 11.89
CA PHE K 78 -17.08 -25.13 12.28
C PHE K 78 -17.33 -23.71 11.80
N PRO K 79 -17.35 -22.73 12.68
CA PRO K 79 -17.70 -21.35 12.28
C PRO K 79 -16.49 -20.52 11.91
N ILE K 80 -16.73 -19.61 10.95
CA ILE K 80 -15.72 -18.75 10.35
C ILE K 80 -16.37 -17.43 9.98
N ALA K 81 -16.13 -16.36 10.73
CA ALA K 81 -16.79 -15.08 10.43
C ALA K 81 -16.33 -14.53 9.08
N PRO K 82 -17.22 -13.82 8.38
CA PRO K 82 -16.84 -13.26 7.06
C PRO K 82 -15.54 -12.45 7.04
N GLU K 83 -15.18 -11.77 8.13
CA GLU K 83 -14.04 -10.85 8.14
C GLU K 83 -12.70 -11.55 8.18
N ILE K 84 -12.67 -12.81 8.59
CA ILE K 84 -11.45 -13.57 8.65
C ILE K 84 -11.41 -14.67 7.61
N ALA K 85 -12.43 -14.82 6.78
CA ALA K 85 -12.48 -16.00 5.93
C ALA K 85 -11.34 -16.03 4.95
N LEU K 86 -10.88 -14.87 4.49
CA LEU K 86 -9.96 -14.84 3.37
C LEU K 86 -8.53 -15.11 3.81
N GLU K 87 -8.11 -14.46 4.91
CA GLU K 87 -6.80 -14.75 5.48
C GLU K 87 -6.75 -16.18 6.00
N LEU K 88 -7.78 -16.59 6.75
CA LEU K 88 -7.86 -17.99 7.14
C LEU K 88 -7.74 -18.93 5.94
N LEU K 89 -8.22 -18.53 4.77
CA LEU K 89 -8.09 -19.40 3.62
C LEU K 89 -6.64 -19.49 3.19
N MET K 90 -5.96 -18.34 3.04
CA MET K 90 -4.55 -18.39 2.70
C MET K 90 -3.78 -19.20 3.75
N ALA K 91 -4.07 -18.95 5.03
CA ALA K 91 -3.41 -19.65 6.13
C ALA K 91 -3.62 -21.15 6.06
N ALA K 92 -4.87 -21.57 5.81
CA ALA K 92 -5.17 -22.99 5.69
C ALA K 92 -4.48 -23.58 4.47
N ASN K 93 -4.46 -22.81 3.37
CA ASN K 93 -3.67 -23.18 2.21
C ASN K 93 -2.19 -23.41 2.53
N PHE K 94 -1.54 -22.45 3.19
CA PHE K 94 -0.13 -22.67 3.54
C PHE K 94 0.05 -23.92 4.41
N LEU K 95 -0.82 -24.08 5.41
CA LEU K 95 -0.61 -25.07 6.47
C LEU K 95 -1.02 -26.48 6.10
N ASP K 96 -1.75 -26.65 5.00
CA ASP K 96 -2.20 -27.97 4.55
C ASP K 96 -3.03 -28.65 5.65
N CYS K 97 -4.01 -27.92 6.19
CA CYS K 97 -4.95 -28.54 7.10
C CYS K 97 -6.41 -28.21 6.73
N VAL L 11 -20.75 -48.51 -13.25
CA VAL L 11 -20.15 -49.31 -12.17
C VAL L 11 -20.64 -48.93 -10.76
N LEU L 12 -20.60 -47.65 -10.36
CA LEU L 12 -21.40 -47.23 -9.20
C LEU L 12 -22.84 -47.00 -9.65
N ARG L 13 -23.65 -48.06 -9.61
CA ARG L 13 -25.05 -48.00 -9.97
C ARG L 13 -25.88 -48.71 -8.92
N SER L 14 -27.17 -48.41 -8.89
CA SER L 14 -28.06 -49.28 -8.15
C SER L 14 -28.13 -50.65 -8.82
N VAL L 15 -28.41 -51.68 -8.03
CA VAL L 15 -28.77 -52.99 -8.56
C VAL L 15 -30.31 -53.15 -8.55
N ASN L 16 -30.86 -53.59 -9.68
CA ASN L 16 -32.32 -53.69 -9.84
C ASN L 16 -32.87 -54.97 -9.20
N SER L 17 -32.71 -55.06 -7.88
CA SER L 17 -33.11 -56.23 -7.12
C SER L 17 -34.62 -56.33 -6.92
N ARG L 18 -35.32 -55.21 -6.90
CA ARG L 18 -36.74 -55.22 -6.62
C ARG L 18 -37.09 -55.86 -5.27
N GLU L 19 -36.15 -55.92 -4.33
CA GLU L 19 -36.42 -56.45 -3.01
C GLU L 19 -36.53 -55.31 -2.01
N PRO L 20 -37.74 -54.89 -1.63
CA PRO L 20 -37.91 -53.62 -0.93
C PRO L 20 -37.18 -53.58 0.41
N SER L 21 -37.18 -52.37 0.98
CA SER L 21 -36.33 -52.04 2.11
C SER L 21 -36.72 -50.69 2.70
N GLN L 22 -37.05 -50.68 3.98
CA GLN L 22 -37.57 -49.49 4.64
C GLN L 22 -36.44 -48.73 5.30
N VAL L 23 -36.36 -47.44 4.99
CA VAL L 23 -35.22 -46.60 5.32
C VAL L 23 -35.72 -45.30 5.90
N ILE L 24 -35.05 -44.79 6.93
CA ILE L 24 -35.31 -43.46 7.47
C ILE L 24 -34.09 -42.61 7.17
N PHE L 25 -34.30 -41.53 6.43
CA PHE L 25 -33.31 -40.50 6.23
C PHE L 25 -33.30 -39.63 7.43
N ASN L 27 -31.62 -36.58 9.06
CA ASN L 27 -30.69 -35.44 8.92
C ASN L 27 -30.15 -34.94 10.24
N ARG L 28 -29.00 -35.46 10.65
CA ARG L 28 -28.34 -35.04 11.88
C ARG L 28 -27.19 -34.10 11.54
N SER L 29 -27.54 -33.03 10.83
CA SER L 29 -26.60 -32.03 10.34
C SER L 29 -27.32 -30.69 10.26
N PRO L 30 -26.59 -29.57 10.20
CA PRO L 30 -27.20 -28.24 10.16
C PRO L 30 -27.53 -27.73 8.78
N ARG L 31 -27.27 -28.55 7.78
CA ARG L 31 -27.48 -28.20 6.39
C ARG L 31 -28.77 -28.86 5.91
N VAL L 32 -29.36 -28.24 4.87
CA VAL L 32 -30.44 -28.86 4.12
C VAL L 32 -29.86 -30.01 3.30
N VAL L 33 -30.26 -31.23 3.60
CA VAL L 33 -29.73 -32.37 2.87
C VAL L 33 -30.55 -32.57 1.60
N LEU L 34 -29.86 -32.73 0.47
CA LEU L 34 -30.44 -33.22 -0.76
C LEU L 34 -30.05 -34.68 -0.90
N PRO L 35 -31.00 -35.60 -0.79
CA PRO L 35 -30.72 -37.01 -1.10
C PRO L 35 -30.68 -37.24 -2.59
N VAL L 36 -29.86 -38.21 -2.98
CA VAL L 36 -29.49 -38.45 -4.36
C VAL L 36 -29.39 -39.95 -4.53
N TRP L 37 -30.21 -40.51 -5.41
CA TRP L 37 -30.19 -41.94 -5.73
C TRP L 37 -29.50 -42.15 -7.06
N LEU L 38 -28.61 -43.14 -7.13
CA LEU L 38 -27.96 -43.52 -8.37
C LEU L 38 -28.84 -44.54 -9.06
N ASN L 39 -29.43 -44.15 -10.18
CA ASN L 39 -30.29 -45.07 -10.90
C ASN L 39 -29.46 -46.17 -11.53
N PHE L 40 -30.14 -47.07 -12.22
CA PHE L 40 -29.42 -48.25 -12.66
C PHE L 40 -28.47 -47.95 -13.82
N ASP L 41 -28.41 -46.70 -14.30
CA ASP L 41 -27.43 -46.25 -15.28
C ASP L 41 -26.23 -45.53 -14.68
N GLY L 42 -26.06 -45.57 -13.36
CA GLY L 42 -25.08 -44.76 -12.70
C GLY L 42 -25.46 -43.31 -12.53
N GLU L 43 -26.65 -42.89 -13.03
CA GLU L 43 -27.01 -41.48 -13.10
C GLU L 43 -27.55 -40.94 -11.77
N PRO L 44 -27.04 -39.81 -11.30
CA PRO L 44 -27.55 -39.25 -10.04
C PRO L 44 -28.93 -38.65 -10.23
N GLN L 45 -29.82 -38.94 -9.27
CA GLN L 45 -31.19 -38.48 -9.31
C GLN L 45 -31.56 -37.77 -8.02
N PRO L 46 -31.91 -36.49 -8.09
CA PRO L 46 -32.24 -35.75 -6.87
C PRO L 46 -33.51 -36.30 -6.27
N TYR L 47 -33.65 -36.08 -4.96
CA TYR L 47 -34.86 -36.38 -4.23
C TYR L 47 -35.28 -35.16 -3.45
N PRO L 48 -36.47 -35.17 -2.87
CA PRO L 48 -36.90 -34.00 -2.09
C PRO L 48 -36.02 -33.81 -0.87
N THR L 49 -35.97 -32.57 -0.39
CA THR L 49 -34.90 -32.23 0.55
C THR L 49 -35.35 -32.37 2.00
N LEU L 50 -34.36 -32.54 2.88
CA LEU L 50 -34.57 -32.69 4.31
C LEU L 50 -34.10 -31.46 5.03
N PRO L 51 -34.97 -30.70 5.67
CA PRO L 51 -34.53 -29.59 6.50
C PRO L 51 -33.70 -30.10 7.65
N PRO L 52 -32.84 -29.26 8.22
CA PRO L 52 -31.93 -29.75 9.29
C PRO L 52 -32.76 -30.27 10.45
N GLY L 53 -32.27 -31.37 11.05
CA GLY L 53 -32.89 -32.00 12.20
C GLY L 53 -34.08 -32.90 11.93
N THR L 54 -34.54 -33.02 10.70
CA THR L 54 -35.69 -33.86 10.38
C THR L 54 -35.24 -35.22 9.87
N GLY L 55 -36.13 -36.20 10.02
CA GLY L 55 -35.94 -37.50 9.42
C GLY L 55 -37.20 -37.94 8.68
N ARG L 56 -37.00 -38.78 7.66
CA ARG L 56 -38.11 -39.07 6.76
C ARG L 56 -38.16 -40.53 6.39
N ARG L 57 -39.37 -41.12 6.38
CA ARG L 57 -39.51 -42.52 5.97
C ARG L 57 -39.51 -42.57 4.44
N ILE L 58 -38.77 -43.53 3.89
CA ILE L 58 -38.65 -43.66 2.43
C ILE L 58 -38.54 -45.13 2.10
N HIS L 59 -38.99 -45.49 0.90
CA HIS L 59 -39.17 -46.88 0.48
C HIS L 59 -38.17 -47.14 -0.61
N SER L 60 -37.13 -47.90 -0.28
CA SER L 60 -36.10 -48.21 -1.25
C SER L 60 -35.92 -49.72 -1.30
N TYR L 61 -34.74 -50.15 -1.76
CA TYR L 61 -34.56 -51.50 -2.23
C TYR L 61 -33.17 -51.98 -1.89
N ARG L 62 -33.02 -53.29 -1.73
CA ARG L 62 -31.70 -53.86 -1.49
C ARG L 62 -30.76 -53.62 -2.67
N GLY L 63 -29.53 -53.22 -2.37
CA GLY L 63 -28.55 -52.89 -3.40
C GLY L 63 -28.74 -51.57 -4.12
N HIS L 64 -29.60 -50.68 -3.64
CA HIS L 64 -29.67 -49.35 -4.23
C HIS L 64 -28.56 -48.47 -3.65
N LEU L 65 -28.22 -47.39 -4.36
CA LEU L 65 -27.11 -46.54 -3.95
C LEU L 65 -27.58 -45.13 -3.69
N TRP L 66 -27.10 -44.57 -2.59
CA TRP L 66 -27.49 -43.26 -2.13
C TRP L 66 -26.27 -42.51 -1.63
N LEU L 67 -26.20 -41.25 -2.02
CA LEU L 67 -25.35 -40.26 -1.37
C LEU L 67 -26.20 -39.06 -0.99
N PHE L 68 -25.65 -38.15 -0.16
CA PHE L 68 -26.43 -37.03 0.33
C PHE L 68 -25.57 -35.78 0.33
N ARG L 69 -26.12 -34.68 -0.20
CA ARG L 69 -25.39 -33.43 -0.32
C ARG L 69 -26.14 -32.32 0.37
N ASP L 70 -25.38 -31.32 0.78
CA ASP L 70 -25.95 -29.99 0.99
C ASP L 70 -26.79 -29.60 -0.24
N ALA L 71 -28.04 -29.24 0.00
CA ALA L 71 -28.91 -29.02 -1.15
C ALA L 71 -28.69 -27.66 -1.81
N GLY L 72 -28.00 -26.72 -1.17
CA GLY L 72 -27.79 -25.44 -1.80
C GLY L 72 -26.48 -25.41 -2.57
N THR L 73 -25.46 -25.99 -1.95
CA THR L 73 -24.08 -25.83 -2.35
C THR L 73 -23.42 -27.14 -2.77
N HIS L 74 -24.16 -28.24 -2.75
CA HIS L 74 -23.71 -29.56 -3.21
C HIS L 74 -22.49 -30.06 -2.43
N ASP L 75 -22.13 -29.38 -1.34
CA ASP L 75 -21.11 -29.89 -0.41
C ASP L 75 -21.46 -31.31 -0.03
N GLY L 76 -20.45 -32.17 0.06
CA GLY L 76 -20.71 -33.57 0.36
C GLY L 76 -20.93 -33.81 1.83
N LEU L 77 -21.74 -34.81 2.16
CA LEU L 77 -22.02 -35.14 3.55
C LEU L 77 -21.64 -36.58 3.81
N LEU L 78 -21.70 -36.97 5.09
CA LEU L 78 -21.51 -38.36 5.48
C LEU L 78 -22.84 -39.01 5.82
N VAL L 79 -23.06 -40.23 5.32
CA VAL L 79 -24.22 -41.03 5.69
C VAL L 79 -23.71 -42.23 6.43
N ASN L 80 -24.11 -42.39 7.68
CA ASN L 80 -23.66 -43.54 8.49
C ASN L 80 -22.14 -43.61 8.50
N GLN L 81 -21.52 -42.43 8.71
CA GLN L 81 -20.08 -42.25 8.81
C GLN L 81 -19.32 -42.73 7.56
N THR L 82 -20.03 -42.87 6.43
CA THR L 82 -19.39 -43.19 5.14
C THR L 82 -20.00 -42.31 4.04
N GLU L 83 -19.61 -42.61 2.79
CA GLU L 83 -19.90 -41.84 1.59
C GLU L 83 -21.18 -42.29 0.88
N LEU L 84 -21.38 -43.58 0.83
CA LEU L 84 -22.56 -44.14 0.18
C LEU L 84 -23.37 -44.92 1.20
N PHE L 85 -24.68 -45.01 0.93
CA PHE L 85 -25.61 -45.77 1.73
C PHE L 85 -26.31 -46.76 0.82
N VAL L 86 -26.29 -48.03 1.21
CA VAL L 86 -26.98 -49.07 0.46
C VAL L 86 -28.05 -49.72 1.31
N PRO L 87 -29.33 -49.54 0.97
CA PRO L 87 -30.38 -50.22 1.73
C PRO L 87 -30.11 -51.72 1.75
N SER L 88 -30.32 -52.33 2.91
CA SER L 88 -30.10 -53.75 3.10
C SER L 88 -31.41 -54.41 3.52
N LEU L 89 -31.34 -55.69 3.86
CA LEU L 89 -32.52 -56.41 4.34
C LEU L 89 -32.96 -55.90 5.70
N ASN L 90 -34.27 -55.63 5.83
CA ASN L 90 -34.89 -55.28 7.11
C ASN L 90 -35.04 -56.56 7.89
N VAL L 91 -34.12 -56.82 8.81
CA VAL L 91 -33.98 -58.17 9.36
C VAL L 91 -34.89 -58.42 10.55
N ASP L 92 -36.03 -57.72 10.64
CA ASP L 92 -36.91 -57.78 11.82
C ASP L 92 -38.04 -56.76 11.81
N GLY L 93 -38.42 -56.29 10.62
CA GLY L 93 -39.44 -55.27 10.53
C GLY L 93 -38.98 -53.98 11.17
N GLN L 94 -37.67 -53.86 11.44
CA GLN L 94 -37.04 -52.59 11.73
C GLN L 94 -36.56 -51.93 10.45
N PRO L 95 -36.67 -50.62 10.38
CA PRO L 95 -36.12 -49.88 9.25
C PRO L 95 -34.62 -49.66 9.39
N ILE L 96 -34.00 -49.38 8.25
CA ILE L 96 -32.58 -49.04 8.19
C ILE L 96 -32.46 -47.53 8.39
N PHE L 97 -31.67 -47.12 9.36
CA PHE L 97 -31.41 -45.70 9.55
C PHE L 97 -30.21 -45.31 8.72
N ALA L 98 -30.40 -44.37 7.82
CA ALA L 98 -29.31 -43.63 7.19
C ALA L 98 -29.12 -42.32 7.95
N ASN L 99 -28.00 -42.22 8.66
CA ASN L 99 -27.73 -41.09 9.54
C ASN L 99 -26.73 -40.17 8.88
N ILE L 100 -27.22 -38.97 8.57
CA ILE L 100 -26.56 -38.01 7.70
C ILE L 100 -25.95 -36.95 8.60
N THR L 101 -24.68 -36.64 8.36
CA THR L 101 -23.91 -35.86 9.30
C THR L 101 -22.90 -35.01 8.54
N LEU L 102 -22.62 -33.82 9.08
CA LEU L 102 -21.48 -33.05 8.63
C LEU L 102 -20.23 -33.92 8.69
N PRO L 103 -19.28 -33.72 7.80
CA PRO L 103 -17.95 -34.28 8.05
C PRO L 103 -17.04 -33.21 8.65
N VAL L 104 -15.98 -33.71 9.29
CA VAL L 104 -14.91 -32.80 9.66
C VAL L 104 -14.24 -32.41 8.36
N TYR L 105 -14.75 -31.36 7.72
CA TYR L 105 -14.03 -30.78 6.60
C TYR L 105 -12.60 -30.38 7.00
N THR L 106 -11.71 -30.30 6.01
CA THR L 106 -10.45 -29.61 6.20
C THR L 106 -10.75 -28.15 6.48
N LEU L 107 -9.85 -27.48 7.20
CA LEU L 107 -10.01 -26.05 7.39
C LEU L 107 -10.11 -25.34 6.03
N LYS L 108 -9.28 -25.76 5.07
CA LYS L 108 -9.23 -25.11 3.76
C LYS L 108 -10.57 -25.24 3.01
N GLU L 109 -11.13 -26.46 2.97
CA GLU L 109 -12.44 -26.65 2.36
C GLU L 109 -13.52 -25.78 3.03
N ARG L 110 -13.52 -25.72 4.37
CA ARG L 110 -14.52 -24.90 5.03
C ARG L 110 -14.40 -23.44 4.62
N CYS L 111 -13.19 -22.92 4.56
CA CYS L 111 -13.01 -21.55 4.12
C CYS L 111 -13.55 -21.36 2.70
N LEU L 112 -13.27 -22.32 1.81
CA LEU L 112 -13.79 -22.23 0.46
C LEU L 112 -15.31 -22.15 0.48
N GLN L 113 -15.95 -23.05 1.24
CA GLN L 113 -17.39 -23.01 1.43
C GLN L 113 -17.87 -21.64 1.84
N VAL L 114 -17.27 -21.09 2.89
CA VAL L 114 -17.73 -19.84 3.45
C VAL L 114 -17.49 -18.70 2.47
N VAL L 115 -16.34 -18.70 1.82
CA VAL L 115 -16.06 -17.62 0.88
C VAL L 115 -16.98 -17.72 -0.33
N ARG L 116 -17.10 -18.93 -0.91
CA ARG L 116 -18.06 -19.13 -2.00
C ARG L 116 -19.44 -18.71 -1.55
N SER L 117 -19.75 -18.95 -0.27
CA SER L 117 -21.03 -18.56 0.32
C SER L 117 -21.21 -17.05 0.37
N LEU L 118 -20.14 -16.29 0.25
CA LEU L 118 -20.20 -14.86 0.43
C LEU L 118 -19.86 -14.07 -0.81
N VAL L 119 -19.26 -14.68 -1.81
CA VAL L 119 -18.92 -13.99 -3.05
C VAL L 119 -19.70 -14.63 -4.21
N LYS L 120 -20.29 -13.77 -5.06
CA LYS L 120 -20.83 -14.23 -6.35
C LYS L 120 -19.69 -14.77 -7.21
N PRO L 121 -19.93 -15.81 -8.01
CA PRO L 121 -18.82 -16.43 -8.75
C PRO L 121 -18.19 -15.53 -9.82
N GLU L 122 -18.90 -14.51 -10.31
CA GLU L 122 -18.26 -13.48 -11.12
C GLU L 122 -17.10 -12.83 -10.37
N ASN L 123 -17.37 -12.42 -9.13
CA ASN L 123 -16.50 -11.63 -8.29
C ASN L 123 -15.36 -12.43 -7.67
N TYR L 124 -15.21 -13.73 -8.01
CA TYR L 124 -14.12 -14.53 -7.45
C TYR L 124 -12.77 -13.96 -7.85
N ARG L 125 -12.70 -13.37 -9.04
CA ARG L 125 -11.46 -12.78 -9.55
C ARG L 125 -11.20 -11.40 -8.98
N ARG L 126 -12.19 -10.79 -8.36
CA ARG L 126 -12.02 -9.52 -7.68
C ARG L 126 -11.63 -9.67 -6.21
N LEU L 127 -11.01 -10.79 -5.85
CA LEU L 127 -10.52 -11.02 -4.50
C LEU L 127 -9.00 -11.02 -4.53
N ASP L 128 -8.37 -10.29 -3.62
CA ASP L 128 -6.91 -10.28 -3.51
C ASP L 128 -6.44 -11.59 -2.90
N ILE L 129 -6.31 -12.61 -3.74
CA ILE L 129 -5.76 -13.89 -3.32
C ILE L 129 -4.90 -14.44 -4.45
N VAL L 130 -4.14 -15.48 -4.13
CA VAL L 130 -3.31 -16.16 -5.12
C VAL L 130 -4.16 -16.72 -6.26
N ARG L 131 -3.53 -16.89 -7.42
CA ARG L 131 -4.24 -17.52 -8.53
C ARG L 131 -4.63 -18.97 -8.21
N SER L 132 -3.90 -19.63 -7.32
CA SER L 132 -4.27 -21.01 -6.98
C SER L 132 -5.61 -21.05 -6.29
N LEU L 133 -5.87 -20.10 -5.39
CA LEU L 133 -7.13 -20.10 -4.65
C LEU L 133 -8.29 -19.60 -5.49
N TYR L 134 -8.00 -18.81 -6.53
CA TYR L 134 -9.00 -18.51 -7.55
C TYR L 134 -9.61 -19.80 -8.12
N GLU L 135 -8.74 -20.70 -8.58
CA GLU L 135 -9.21 -21.95 -9.18
C GLU L 135 -9.94 -22.78 -8.13
N ASP L 136 -9.35 -22.89 -6.95
CA ASP L 136 -9.96 -23.64 -5.85
C ASP L 136 -11.40 -23.15 -5.55
N LEU L 137 -11.64 -21.83 -5.57
CA LEU L 137 -13.01 -21.39 -5.36
C LEU L 137 -13.92 -21.84 -6.50
N GLU L 138 -13.37 -21.96 -7.72
CA GLU L 138 -14.16 -22.21 -8.91
C GLU L 138 -14.44 -23.68 -9.13
N ASP L 139 -13.67 -24.56 -8.51
CA ASP L 139 -13.94 -26.00 -8.52
C ASP L 139 -15.06 -26.33 -7.52
N HIS L 140 -16.24 -25.77 -7.78
CA HIS L 140 -17.42 -26.04 -6.97
C HIS L 140 -17.65 -27.54 -6.84
N PRO L 141 -18.10 -28.00 -5.67
CA PRO L 141 -18.27 -29.45 -5.44
C PRO L 141 -19.36 -30.01 -6.34
N ASN L 142 -19.19 -31.27 -6.73
CA ASN L 142 -19.78 -31.73 -7.98
C ASN L 142 -20.06 -33.22 -7.87
N VAL L 143 -21.34 -33.58 -7.85
CA VAL L 143 -21.70 -34.97 -7.63
C VAL L 143 -21.11 -35.86 -8.73
N GLN L 144 -21.26 -35.44 -9.99
CA GLN L 144 -20.72 -36.19 -11.13
C GLN L 144 -19.24 -36.43 -10.96
N LYS L 145 -18.49 -35.36 -10.63
CA LYS L 145 -17.06 -35.47 -10.39
C LYS L 145 -16.75 -36.36 -9.18
N ASP L 146 -17.43 -36.11 -8.06
CA ASP L 146 -17.29 -36.99 -6.90
C ASP L 146 -17.55 -38.42 -7.27
N LEU L 147 -18.60 -38.65 -8.06
CA LEU L 147 -18.90 -40.00 -8.51
C LEU L 147 -17.76 -40.57 -9.33
N GLU L 148 -17.18 -39.76 -10.22
CA GLU L 148 -16.02 -40.22 -10.98
C GLU L 148 -14.85 -40.51 -10.05
N ARG L 149 -14.56 -39.59 -9.12
CA ARG L 149 -13.53 -39.85 -8.12
C ARG L 149 -13.72 -41.20 -7.45
N LEU L 150 -14.89 -41.41 -6.83
CA LEU L 150 -15.11 -42.64 -6.06
C LEU L 150 -14.81 -43.89 -6.89
N THR L 151 -15.30 -43.93 -8.14
CA THR L 151 -15.14 -45.13 -8.97
C THR L 151 -13.67 -45.45 -9.25
N GLN L 152 -12.81 -44.44 -9.30
CA GLN L 152 -11.38 -44.69 -9.37
C GLN L 152 -10.82 -45.47 -8.15
#